data_8IFU
#
_entry.id   8IFU
#
loop_
_entity.id
_entity.type
_entity.pdbx_description
1 polymer HcCCR
2 non-polymer RETINAL
3 non-polymer 'SODIUM ION'
4 non-polymer '(1S)-2-{[(S)-(2-aminoethoxy)(hydroxy)phosphoryl]oxy}-1-[(octadecanoyloxy)methyl]ethyl (9Z)-octadec-9-enoate'
5 water water
#
_entity_poly.entity_id   1
_entity_poly.type   'polypeptide(L)'
_entity_poly.pdbx_seq_one_letter_code
;MPFCGGRPEDGWHHGSIHDMDYPLLGAMAAICSVFIGGSGAWMLYRLDLGLGYSCKPHHSGYAPEANSFSALSCLVSGTI
YAAKTFDFFDGGGTPFSFNWYWYLDYVFTCPLILLDVLYTLEIPHKLRFVFAVIITLWCGVAAFVTPSAFRFGYYAVGCV
WFVPFSFSLLRHVKQRYQVYPPKCQKILFWACTIFFGFWPLFPILFLFSWLGTGHIDQQAFTIIHAFLDLFCKTVFGLIM
TFFRLELEEHTEVLGLPLNEPKGKH
;
_entity_poly.pdbx_strand_id   A,B,C
#
# COMPACT_ATOMS: atom_id res chain seq x y z
N PRO A 2 8.26 4.02 13.05
CA PRO A 2 7.24 3.70 14.02
C PRO A 2 7.76 3.55 15.41
N PHE A 3 9.02 3.76 15.67
CA PHE A 3 9.60 3.44 16.96
C PHE A 3 10.12 4.64 17.73
N CYS A 4 10.08 4.54 19.06
CA CYS A 4 10.58 5.61 19.89
C CYS A 4 11.41 5.09 21.05
N GLY A 5 11.42 3.79 21.28
CA GLY A 5 12.28 3.31 22.35
C GLY A 5 12.48 1.82 22.51
N GLY A 6 13.71 1.38 22.34
CA GLY A 6 13.98 -0.04 22.41
C GLY A 6 14.85 -0.47 23.55
N ARG A 7 15.99 -1.07 23.24
CA ARG A 7 16.81 -1.61 24.30
C ARG A 7 17.43 -0.58 25.28
N PRO A 8 17.25 -0.73 26.63
CA PRO A 8 17.95 0.22 27.48
C PRO A 8 19.45 0.00 27.43
N GLU A 9 20.22 1.00 27.86
CA GLU A 9 21.68 0.90 27.83
C GLU A 9 22.28 -0.12 28.78
N ASP A 10 21.58 -0.44 29.86
CA ASP A 10 22.05 -1.48 30.77
C ASP A 10 21.51 -2.82 30.34
N GLY A 11 20.70 -2.82 29.29
CA GLY A 11 20.12 -4.05 28.80
C GLY A 11 18.73 -4.11 29.31
N TRP A 12 18.04 -5.18 28.97
CA TRP A 12 16.68 -5.34 29.40
C TRP A 12 16.65 -5.62 30.86
N HIS A 13 15.63 -5.12 31.53
CA HIS A 13 15.51 -5.34 32.95
C HIS A 13 14.93 -6.70 33.18
N HIS A 14 15.43 -7.42 34.18
CA HIS A 14 14.96 -8.79 34.40
C HIS A 14 13.57 -8.75 34.96
N GLY A 15 12.61 -9.17 34.18
CA GLY A 15 11.24 -9.08 34.60
C GLY A 15 10.47 -8.37 33.53
N SER A 16 11.15 -7.99 32.46
CA SER A 16 10.46 -7.35 31.36
C SER A 16 10.04 -8.46 30.44
N ILE A 17 9.11 -8.16 29.55
CA ILE A 17 8.66 -9.14 28.59
C ILE A 17 9.74 -9.31 27.54
N HIS A 18 10.68 -8.37 27.49
CA HIS A 18 11.71 -8.40 26.50
C HIS A 18 13.00 -8.98 27.00
N ASP A 19 13.02 -9.47 28.22
CA ASP A 19 14.21 -10.16 28.71
C ASP A 19 14.11 -11.61 28.28
N MET A 20 14.61 -11.94 27.07
CA MET A 20 14.51 -13.27 26.52
C MET A 20 15.86 -13.87 26.17
N ASP A 21 15.89 -15.07 25.59
CA ASP A 21 17.13 -15.69 25.13
C ASP A 21 17.24 -15.38 23.69
N TYR A 22 17.79 -14.22 23.39
CA TYR A 22 17.96 -13.77 22.04
C TYR A 22 18.90 -14.58 21.16
N PRO A 23 20.01 -15.10 21.72
CA PRO A 23 20.81 -16.00 20.88
C PRO A 23 20.04 -17.20 20.35
N LEU A 24 19.17 -17.82 21.13
CA LEU A 24 18.34 -18.94 20.71
C LEU A 24 17.26 -18.55 19.74
N LEU A 25 16.68 -17.39 19.95
CA LEU A 25 15.62 -16.92 19.08
C LEU A 25 16.16 -16.55 17.74
N GLY A 26 17.39 -16.03 17.68
CA GLY A 26 18.02 -15.64 16.43
C GLY A 26 18.39 -16.84 15.63
N ALA A 27 18.77 -17.90 16.29
CA ALA A 27 19.10 -19.15 15.63
C ALA A 27 17.87 -19.74 15.00
N MET A 28 16.75 -19.71 15.68
CA MET A 28 15.50 -20.24 15.17
C MET A 28 15.00 -19.42 13.99
N ALA A 29 15.19 -18.11 14.02
CA ALA A 29 14.78 -17.23 12.95
C ALA A 29 15.63 -17.42 11.73
N ALA A 30 16.90 -17.76 11.91
CA ALA A 30 17.80 -18.03 10.81
C ALA A 30 17.42 -19.30 10.11
N ILE A 31 17.04 -20.32 10.87
CA ILE A 31 16.58 -21.55 10.28
C ILE A 31 15.30 -21.29 9.52
N CYS A 32 14.36 -20.58 10.11
CA CYS A 32 13.14 -20.21 9.43
C CYS A 32 13.39 -19.40 8.18
N SER A 33 14.26 -18.41 8.22
CA SER A 33 14.62 -17.64 7.04
C SER A 33 15.04 -18.48 5.86
N VAL A 34 16.02 -19.36 6.06
CA VAL A 34 16.52 -20.21 5.01
C VAL A 34 15.48 -21.23 4.55
N PHE A 35 14.71 -21.78 5.47
CA PHE A 35 13.68 -22.71 5.09
C PHE A 35 12.52 -22.07 4.33
N ILE A 36 11.91 -21.03 4.85
CA ILE A 36 10.82 -20.37 4.17
C ILE A 36 11.24 -19.67 2.89
N GLY A 37 12.35 -18.95 2.92
CA GLY A 37 12.83 -18.26 1.76
C GLY A 37 13.32 -19.19 0.70
N GLY A 38 13.95 -20.28 1.10
CA GLY A 38 14.40 -21.27 0.14
C GLY A 38 13.26 -22.04 -0.48
N SER A 39 12.17 -22.23 0.26
CA SER A 39 11.00 -22.88 -0.29
C SER A 39 10.34 -21.98 -1.30
N GLY A 40 10.39 -20.67 -1.09
CA GLY A 40 9.84 -19.72 -2.04
C GLY A 40 10.66 -19.63 -3.29
N ALA A 41 11.95 -19.89 -3.19
CA ALA A 41 12.83 -19.89 -4.33
C ALA A 41 12.68 -21.13 -5.15
N TRP A 42 12.43 -22.27 -4.52
CA TRP A 42 12.15 -23.46 -5.28
C TRP A 42 10.82 -23.33 -5.95
N MET A 43 9.87 -22.71 -5.28
CA MET A 43 8.57 -22.52 -5.85
C MET A 43 8.63 -21.65 -7.08
N LEU A 44 9.41 -20.60 -7.05
CA LEU A 44 9.58 -19.74 -8.21
C LEU A 44 10.22 -20.50 -9.33
N TYR A 45 11.26 -21.26 -9.05
CA TYR A 45 11.89 -22.08 -10.03
C TYR A 45 10.92 -23.02 -10.68
N ARG A 46 10.12 -23.70 -9.89
CA ARG A 46 9.21 -24.69 -10.42
C ARG A 46 8.06 -24.10 -11.20
N LEU A 47 7.70 -22.87 -10.91
CA LEU A 47 6.67 -22.21 -11.66
C LEU A 47 7.16 -22.03 -13.05
N ASP A 48 8.35 -21.51 -13.20
CA ASP A 48 8.90 -21.24 -14.50
C ASP A 48 9.28 -22.46 -15.31
N LEU A 49 9.34 -23.62 -14.67
CA LEU A 49 9.69 -24.86 -15.35
C LEU A 49 8.66 -25.28 -16.36
N GLY A 50 7.42 -24.91 -16.14
CA GLY A 50 6.37 -25.33 -17.04
C GLY A 50 5.08 -25.62 -16.34
N LEU A 51 4.11 -26.17 -17.06
CA LEU A 51 2.79 -26.37 -16.50
C LEU A 51 2.58 -27.42 -15.43
N GLY A 52 2.31 -28.67 -15.77
CA GLY A 52 2.02 -29.62 -14.71
C GLY A 52 3.21 -30.37 -14.18
N TYR A 53 3.05 -31.66 -13.99
CA TYR A 53 4.16 -32.48 -13.55
C TYR A 53 5.01 -32.80 -14.75
N SER A 54 4.41 -32.77 -15.93
CA SER A 54 5.12 -33.05 -17.16
C SER A 54 5.79 -31.80 -17.70
N CYS A 55 5.65 -30.70 -16.99
CA CYS A 55 6.26 -29.43 -17.39
C CYS A 55 6.00 -29.03 -18.82
N LYS A 56 4.72 -28.94 -19.18
CA LYS A 56 4.35 -28.48 -20.51
C LYS A 56 4.70 -27.04 -20.61
N PRO A 57 5.24 -26.60 -21.74
CA PRO A 57 5.51 -25.18 -21.88
C PRO A 57 4.31 -24.30 -21.62
N HIS A 58 4.50 -23.21 -20.89
CA HIS A 58 3.43 -22.26 -20.64
C HIS A 58 2.90 -21.65 -21.91
N HIS A 59 1.64 -21.26 -21.92
CA HIS A 59 1.00 -20.72 -23.12
C HIS A 59 1.61 -19.45 -23.65
N SER A 60 1.84 -18.48 -22.79
CA SER A 60 2.43 -17.22 -23.20
C SER A 60 3.94 -17.32 -23.19
N GLY A 61 4.47 -18.41 -22.67
CA GLY A 61 5.90 -18.58 -22.60
C GLY A 61 6.31 -18.31 -21.19
N TYR A 62 5.46 -17.63 -20.45
CA TYR A 62 5.77 -17.27 -19.09
C TYR A 62 4.65 -17.69 -18.19
N ALA A 63 4.95 -17.81 -16.90
CA ALA A 63 3.97 -18.27 -15.95
C ALA A 63 2.92 -17.23 -15.70
N PRO A 64 1.67 -17.67 -15.46
CA PRO A 64 0.63 -16.70 -15.10
C PRO A 64 1.03 -15.91 -13.87
N GLU A 65 0.71 -14.62 -13.84
CA GLU A 65 1.14 -13.76 -12.75
C GLU A 65 0.60 -14.06 -11.39
N ALA A 66 -0.56 -14.69 -11.33
CA ALA A 66 -1.21 -14.96 -10.08
C ALA A 66 -0.94 -16.36 -9.60
N ASN A 67 0.08 -16.98 -10.16
CA ASN A 67 0.46 -18.32 -9.75
C ASN A 67 1.65 -18.15 -8.86
N SER A 68 2.12 -16.93 -8.72
CA SER A 68 3.31 -16.65 -7.94
C SER A 68 3.13 -16.24 -6.50
N PHE A 69 1.91 -16.18 -6.00
CA PHE A 69 1.66 -15.69 -4.65
C PHE A 69 2.16 -16.59 -3.55
N SER A 70 2.22 -17.88 -3.80
CA SER A 70 2.76 -18.82 -2.83
C SER A 70 4.23 -18.57 -2.67
N ALA A 71 4.95 -18.49 -3.78
CA ALA A 71 6.38 -18.24 -3.78
C ALA A 71 6.70 -16.93 -3.15
N LEU A 72 5.94 -15.90 -3.48
CA LEU A 72 6.19 -14.58 -2.96
C LEU A 72 5.94 -14.45 -1.48
N SER A 73 4.93 -15.10 -0.96
CA SER A 73 4.67 -15.06 0.47
C SER A 73 5.79 -15.69 1.23
N CYS A 74 6.34 -16.77 0.71
CA CYS A 74 7.43 -17.46 1.34
C CYS A 74 8.74 -16.71 1.23
N LEU A 75 8.97 -16.06 0.11
CA LEU A 75 10.18 -15.28 -0.07
C LEU A 75 10.14 -14.01 0.75
N VAL A 76 8.98 -13.41 0.92
CA VAL A 76 8.85 -12.22 1.75
C VAL A 76 8.94 -12.58 3.22
N SER A 77 8.38 -13.70 3.65
CA SER A 77 8.51 -14.11 5.02
C SER A 77 9.90 -14.58 5.38
N GLY A 78 10.64 -15.12 4.43
CA GLY A 78 12.01 -15.48 4.70
C GLY A 78 12.86 -14.26 4.84
N THR A 79 12.54 -13.18 4.13
CA THR A 79 13.25 -11.93 4.28
C THR A 79 12.91 -11.25 5.59
N ILE A 80 11.66 -11.33 6.02
CA ILE A 80 11.26 -10.78 7.30
C ILE A 80 11.90 -11.57 8.43
N TYR A 81 12.08 -12.87 8.26
CA TYR A 81 12.75 -13.67 9.26
C TYR A 81 14.24 -13.42 9.30
N ALA A 82 14.83 -12.93 8.23
CA ALA A 82 16.24 -12.53 8.22
C ALA A 82 16.39 -11.23 8.99
N ALA A 83 15.43 -10.33 8.86
CA ALA A 83 15.43 -9.10 9.63
C ALA A 83 15.24 -9.43 11.09
N LYS A 84 14.42 -10.42 11.40
CA LYS A 84 14.25 -10.86 12.75
C LYS A 84 15.49 -11.48 13.35
N THR A 85 16.28 -12.24 12.60
CA THR A 85 17.52 -12.78 13.11
C THR A 85 18.50 -11.68 13.41
N PHE A 86 18.51 -10.62 12.62
CA PHE A 86 19.37 -9.50 12.84
C PHE A 86 19.02 -8.79 14.12
N ASP A 87 17.72 -8.58 14.38
CA ASP A 87 17.29 -8.00 15.65
C ASP A 87 17.59 -8.88 16.85
N PHE A 88 17.28 -10.16 16.78
CA PHE A 88 17.57 -11.05 17.87
C PHE A 88 19.05 -11.18 18.17
N PHE A 89 19.89 -11.16 17.14
CA PHE A 89 21.34 -11.26 17.33
C PHE A 89 21.96 -9.95 17.78
N ASP A 90 21.22 -8.86 17.71
CA ASP A 90 21.67 -7.61 18.24
C ASP A 90 21.09 -7.42 19.65
N GLY A 91 20.26 -8.35 20.13
CA GLY A 91 19.73 -8.29 21.49
C GLY A 91 18.38 -7.74 21.67
N GLY A 92 17.65 -7.53 20.59
CA GLY A 92 16.34 -6.92 20.68
C GLY A 92 16.23 -5.42 20.70
N GLY A 93 15.05 -4.90 20.39
CA GLY A 93 14.80 -3.47 20.40
C GLY A 93 15.63 -2.62 19.50
N THR A 94 15.76 -2.97 18.24
CA THR A 94 16.65 -2.27 17.37
C THR A 94 15.73 -1.40 16.58
N PRO A 95 16.23 -0.32 15.99
CA PRO A 95 15.33 0.59 15.29
C PRO A 95 14.40 -0.07 14.28
N PHE A 96 14.90 -0.96 13.46
CA PHE A 96 14.08 -1.68 12.51
C PHE A 96 13.86 -3.08 13.04
N SER A 97 12.84 -3.26 13.85
CA SER A 97 12.58 -4.55 14.43
C SER A 97 11.29 -5.14 13.96
N PHE A 98 11.32 -6.33 13.43
CA PHE A 98 10.14 -6.99 12.92
C PHE A 98 9.72 -7.93 13.99
N ASN A 99 10.26 -7.75 15.16
CA ASN A 99 9.89 -8.55 16.28
C ASN A 99 9.08 -7.73 17.23
N TRP A 100 9.36 -6.46 17.33
CA TRP A 100 8.68 -5.57 18.26
C TRP A 100 7.16 -5.53 18.16
N TYR A 101 6.65 -5.22 16.99
CA TYR A 101 5.22 -5.10 16.81
C TYR A 101 4.68 -6.38 16.31
N TRP A 102 3.98 -7.09 17.18
CA TRP A 102 3.43 -8.36 16.82
C TRP A 102 2.37 -8.25 15.79
N TYR A 103 2.41 -9.13 14.79
CA TYR A 103 1.41 -9.20 13.73
C TYR A 103 1.60 -8.21 12.62
N LEU A 104 2.62 -7.37 12.70
CA LEU A 104 2.93 -6.46 11.61
C LEU A 104 3.52 -7.19 10.44
N ASP A 105 4.32 -8.21 10.71
CA ASP A 105 4.85 -9.03 9.66
C ASP A 105 3.76 -9.77 8.93
N TYR A 106 2.66 -10.06 9.62
CA TYR A 106 1.55 -10.77 9.03
C TYR A 106 0.71 -9.86 8.17
N VAL A 107 0.78 -8.56 8.39
CA VAL A 107 0.06 -7.60 7.56
C VAL A 107 0.60 -7.67 6.15
N PHE A 108 1.87 -8.02 6.03
CA PHE A 108 2.49 -8.08 4.71
C PHE A 108 2.54 -9.46 4.07
N THR A 109 2.37 -10.52 4.84
CA THR A 109 2.50 -11.86 4.30
C THR A 109 1.22 -12.62 4.10
N CYS A 110 0.29 -12.47 5.04
CA CYS A 110 -0.99 -13.16 4.98
C CYS A 110 -1.94 -12.77 3.88
N PRO A 111 -1.94 -11.49 3.46
CA PRO A 111 -2.73 -11.19 2.28
C PRO A 111 -2.27 -11.99 1.07
N LEU A 112 -0.97 -12.26 0.91
CA LEU A 112 -0.45 -13.02 -0.21
C LEU A 112 -0.77 -14.50 -0.14
N ILE A 113 -0.84 -15.06 1.04
CA ILE A 113 -1.26 -16.43 1.21
C ILE A 113 -2.71 -16.55 0.81
N LEU A 114 -3.52 -15.56 1.18
CA LEU A 114 -4.91 -15.55 0.85
C LEU A 114 -5.12 -15.37 -0.64
N LEU A 115 -4.38 -14.48 -1.27
CA LEU A 115 -4.48 -14.28 -2.72
C LEU A 115 -4.16 -15.53 -3.47
N ASP A 116 -3.21 -16.31 -2.99
CA ASP A 116 -2.87 -17.59 -3.56
C ASP A 116 -4.12 -18.47 -3.60
N VAL A 117 -4.83 -18.63 -2.49
CA VAL A 117 -6.08 -19.38 -2.47
C VAL A 117 -7.16 -18.79 -3.35
N LEU A 118 -7.37 -17.49 -3.29
CA LEU A 118 -8.41 -16.84 -4.07
C LEU A 118 -8.23 -17.00 -5.54
N TYR A 119 -7.00 -16.91 -6.01
CA TYR A 119 -6.74 -17.06 -7.42
C TYR A 119 -6.67 -18.50 -7.87
N THR A 120 -6.05 -19.37 -7.09
CA THR A 120 -5.99 -20.77 -7.44
C THR A 120 -7.36 -21.40 -7.48
N LEU A 121 -8.19 -21.10 -6.50
CA LEU A 121 -9.50 -21.70 -6.42
C LEU A 121 -10.54 -20.90 -7.09
N GLU A 122 -10.19 -19.80 -7.74
CA GLU A 122 -11.12 -18.93 -8.45
C GLU A 122 -12.24 -18.53 -7.52
N ILE A 123 -11.89 -17.87 -6.45
CA ILE A 123 -12.87 -17.48 -5.47
C ILE A 123 -13.44 -16.06 -5.73
N PRO A 124 -14.80 -15.83 -5.67
CA PRO A 124 -15.31 -14.48 -5.81
C PRO A 124 -15.02 -13.55 -4.64
N HIS A 125 -15.33 -12.26 -4.77
CA HIS A 125 -15.14 -11.28 -3.70
C HIS A 125 -13.73 -11.16 -3.21
N LYS A 126 -12.78 -11.20 -4.11
CA LYS A 126 -11.38 -11.12 -3.74
C LYS A 126 -11.03 -9.86 -2.98
N LEU A 127 -11.56 -8.72 -3.39
CA LEU A 127 -11.31 -7.46 -2.70
C LEU A 127 -11.86 -7.45 -1.30
N ARG A 128 -13.06 -7.95 -1.13
CA ARG A 128 -13.68 -8.01 0.17
C ARG A 128 -12.90 -8.87 1.11
N PHE A 129 -12.40 -9.99 0.62
CA PHE A 129 -11.64 -10.91 1.43
C PHE A 129 -10.27 -10.38 1.83
N VAL A 130 -9.59 -9.70 0.92
CA VAL A 130 -8.28 -9.16 1.22
C VAL A 130 -8.41 -8.01 2.18
N PHE A 131 -9.36 -7.11 1.92
CA PHE A 131 -9.61 -6.01 2.83
C PHE A 131 -9.91 -6.54 4.20
N ALA A 132 -10.80 -7.52 4.31
CA ALA A 132 -11.11 -8.12 5.58
C ALA A 132 -9.91 -8.56 6.35
N VAL A 133 -9.04 -9.36 5.74
CA VAL A 133 -7.83 -9.82 6.40
C VAL A 133 -6.87 -8.71 6.83
N ILE A 134 -6.79 -7.62 6.07
CA ILE A 134 -5.91 -6.54 6.41
C ILE A 134 -6.47 -5.85 7.63
N ILE A 135 -7.77 -5.57 7.66
CA ILE A 135 -8.40 -5.00 8.83
C ILE A 135 -8.12 -5.80 10.06
N THR A 136 -8.39 -7.09 10.01
CA THR A 136 -8.16 -7.96 11.13
C THR A 136 -6.75 -7.98 11.68
N LEU A 137 -5.76 -7.95 10.81
CA LEU A 137 -4.38 -7.96 11.24
C LEU A 137 -3.94 -6.70 11.87
N TRP A 138 -4.52 -5.58 11.47
CA TRP A 138 -4.23 -4.30 12.07
C TRP A 138 -4.88 -4.15 13.41
N CYS A 139 -5.98 -4.87 13.64
CA CYS A 139 -6.64 -4.87 14.91
C CYS A 139 -5.81 -5.66 15.87
N GLY A 140 -5.10 -6.66 15.38
CA GLY A 140 -4.19 -7.44 16.20
C GLY A 140 -2.94 -6.67 16.50
N VAL A 141 -2.45 -5.90 15.56
CA VAL A 141 -1.31 -5.06 15.80
C VAL A 141 -1.68 -4.09 16.91
N ALA A 142 -2.85 -3.48 16.82
CA ALA A 142 -3.33 -2.55 17.83
C ALA A 142 -3.58 -3.16 19.18
N ALA A 143 -4.05 -4.39 19.24
CA ALA A 143 -4.26 -5.10 20.49
C ALA A 143 -2.99 -5.40 21.25
N PHE A 144 -1.90 -5.62 20.53
CA PHE A 144 -0.64 -5.90 21.16
C PHE A 144 0.02 -4.63 21.63
N VAL A 145 -0.32 -3.51 21.03
CA VAL A 145 0.26 -2.23 21.38
C VAL A 145 -0.50 -1.50 22.51
N THR A 146 -1.80 -1.73 22.66
CA THR A 146 -2.58 -1.10 23.72
C THR A 146 -2.32 -1.66 25.09
N PRO A 147 -1.99 -0.80 26.05
CA PRO A 147 -1.66 -1.26 27.38
C PRO A 147 -2.85 -1.35 28.33
N SER A 148 -4.06 -1.23 27.84
CA SER A 148 -5.24 -1.22 28.68
C SER A 148 -6.15 -2.36 28.29
N ALA A 149 -7.35 -2.39 28.85
CA ALA A 149 -8.32 -3.41 28.50
C ALA A 149 -9.06 -3.06 27.24
N PHE A 150 -8.61 -2.03 26.54
CA PHE A 150 -9.18 -1.65 25.26
C PHE A 150 -8.46 -2.45 24.23
N ARG A 151 -7.52 -3.29 24.63
CA ARG A 151 -6.84 -4.19 23.73
C ARG A 151 -7.80 -5.30 23.41
N PHE A 152 -8.77 -5.52 24.27
CA PHE A 152 -9.76 -6.53 24.07
C PHE A 152 -10.85 -5.99 23.21
N GLY A 153 -10.91 -4.69 23.03
CA GLY A 153 -11.85 -4.09 22.13
C GLY A 153 -11.30 -4.18 20.74
N TYR A 154 -10.02 -3.96 20.55
CA TYR A 154 -9.41 -4.13 19.23
C TYR A 154 -9.41 -5.58 18.85
N TYR A 155 -9.21 -6.46 19.80
CA TYR A 155 -9.26 -7.87 19.55
C TYR A 155 -10.62 -8.31 19.08
N ALA A 156 -11.66 -7.83 19.76
CA ALA A 156 -13.02 -8.16 19.39
C ALA A 156 -13.48 -7.55 18.07
N VAL A 157 -12.91 -6.43 17.68
CA VAL A 157 -13.26 -5.83 16.39
C VAL A 157 -12.67 -6.66 15.27
N GLY A 158 -11.51 -7.24 15.47
CA GLY A 158 -10.96 -8.11 14.46
C GLY A 158 -11.73 -9.41 14.40
N CYS A 159 -12.21 -9.91 15.53
CA CYS A 159 -13.05 -11.09 15.54
C CYS A 159 -14.34 -10.85 14.79
N VAL A 160 -14.85 -9.63 14.80
CA VAL A 160 -16.05 -9.29 14.06
C VAL A 160 -15.77 -9.21 12.58
N TRP A 161 -14.50 -9.16 12.21
CA TRP A 161 -14.13 -9.14 10.81
C TRP A 161 -13.69 -10.51 10.35
N PHE A 162 -13.16 -11.32 11.24
CA PHE A 162 -12.65 -12.62 10.90
C PHE A 162 -13.66 -13.73 10.89
N VAL A 163 -14.54 -13.76 11.87
CA VAL A 163 -15.58 -14.78 11.88
C VAL A 163 -16.43 -14.72 10.56
N PRO A 164 -17.00 -13.54 10.15
CA PRO A 164 -17.65 -13.50 8.83
C PRO A 164 -16.75 -13.91 7.67
N PHE A 165 -15.55 -13.38 7.56
CA PHE A 165 -14.57 -13.77 6.53
C PHE A 165 -14.35 -15.26 6.43
N SER A 166 -14.08 -15.92 7.54
CA SER A 166 -13.78 -17.33 7.53
C SER A 166 -14.96 -18.22 7.17
N PHE A 167 -16.15 -17.81 7.54
CA PHE A 167 -17.33 -18.59 7.21
C PHE A 167 -17.71 -18.40 5.77
N SER A 168 -17.52 -17.20 5.25
CA SER A 168 -17.78 -16.94 3.87
C SER A 168 -16.79 -17.62 2.98
N LEU A 169 -15.53 -17.68 3.39
CA LEU A 169 -14.52 -18.37 2.63
C LEU A 169 -14.69 -19.84 2.68
N LEU A 170 -15.03 -20.40 3.83
CA LEU A 170 -15.28 -21.81 3.88
C LEU A 170 -16.41 -22.22 2.96
N ARG A 171 -17.45 -21.41 2.86
CA ARG A 171 -18.55 -21.71 1.97
C ARG A 171 -18.09 -21.71 0.55
N HIS A 172 -17.33 -20.71 0.18
CA HIS A 172 -16.81 -20.62 -1.16
C HIS A 172 -15.83 -21.70 -1.54
N VAL A 173 -14.97 -22.09 -0.63
CA VAL A 173 -14.05 -23.18 -0.91
C VAL A 173 -14.70 -24.54 -0.92
N LYS A 174 -15.84 -24.70 -0.30
CA LYS A 174 -16.54 -25.95 -0.34
C LYS A 174 -17.24 -26.07 -1.66
N GLN A 175 -17.68 -24.95 -2.20
CA GLN A 175 -18.30 -24.97 -3.51
C GLN A 175 -17.29 -25.31 -4.57
N ARG A 176 -16.09 -24.77 -4.46
CA ARG A 176 -15.05 -25.03 -5.41
C ARG A 176 -14.48 -26.43 -5.28
N TYR A 177 -14.44 -26.98 -4.09
CA TYR A 177 -13.90 -28.30 -3.86
C TYR A 177 -14.51 -29.34 -4.76
N GLN A 178 -15.80 -29.28 -5.02
CA GLN A 178 -16.47 -30.27 -5.84
C GLN A 178 -16.18 -30.21 -7.33
N VAL A 179 -15.59 -29.13 -7.79
CA VAL A 179 -15.25 -28.98 -9.18
C VAL A 179 -13.98 -29.74 -9.45
N TYR A 180 -13.14 -29.87 -8.44
CA TYR A 180 -11.85 -30.49 -8.63
C TYR A 180 -11.82 -31.99 -8.75
N PRO A 181 -10.83 -32.54 -9.46
CA PRO A 181 -10.70 -33.99 -9.61
C PRO A 181 -10.28 -34.67 -8.32
N PRO A 182 -10.59 -35.95 -8.17
CA PRO A 182 -10.29 -36.66 -6.92
C PRO A 182 -8.89 -36.51 -6.39
N LYS A 183 -7.86 -36.56 -7.23
CA LYS A 183 -6.48 -36.37 -6.81
C LYS A 183 -6.14 -34.96 -6.33
N CYS A 184 -6.78 -33.96 -6.92
CA CYS A 184 -6.53 -32.59 -6.51
C CYS A 184 -7.34 -32.27 -5.28
N GLN A 185 -8.42 -32.99 -5.05
CA GLN A 185 -9.24 -32.80 -3.86
C GLN A 185 -8.54 -33.35 -2.64
N LYS A 186 -7.69 -34.35 -2.83
CA LYS A 186 -6.91 -34.88 -1.73
C LYS A 186 -5.83 -33.91 -1.26
N ILE A 187 -5.18 -33.21 -2.19
CA ILE A 187 -4.21 -32.21 -1.81
C ILE A 187 -4.91 -31.04 -1.17
N LEU A 188 -6.09 -30.70 -1.68
CA LEU A 188 -6.80 -29.55 -1.17
C LEU A 188 -7.31 -29.75 0.21
N PHE A 189 -7.67 -30.96 0.59
CA PHE A 189 -8.09 -31.24 1.94
C PHE A 189 -7.07 -30.74 2.90
N TRP A 190 -5.82 -31.08 2.68
CA TRP A 190 -4.74 -30.67 3.55
C TRP A 190 -4.42 -29.19 3.54
N ALA A 191 -4.68 -28.50 2.46
CA ALA A 191 -4.49 -27.07 2.43
C ALA A 191 -5.55 -26.42 3.25
N CYS A 192 -6.77 -26.94 3.18
CA CYS A 192 -7.90 -26.40 3.92
C CYS A 192 -7.78 -26.62 5.41
N THR A 193 -7.02 -27.62 5.84
CA THR A 193 -6.81 -27.86 7.25
C THR A 193 -5.75 -26.94 7.84
N ILE A 194 -4.91 -26.34 7.01
CA ILE A 194 -3.92 -25.40 7.49
C ILE A 194 -4.50 -24.01 7.41
N PHE A 195 -5.35 -23.78 6.42
CA PHE A 195 -5.92 -22.47 6.26
C PHE A 195 -7.07 -22.23 7.20
N PHE A 196 -7.83 -23.25 7.52
CA PHE A 196 -9.00 -23.05 8.33
C PHE A 196 -8.86 -23.71 9.66
N GLY A 197 -7.76 -24.42 9.86
CA GLY A 197 -7.54 -25.06 11.13
C GLY A 197 -6.44 -24.40 11.91
N PHE A 198 -5.53 -23.73 11.24
CA PHE A 198 -4.40 -23.13 11.93
C PHE A 198 -4.60 -21.66 12.05
N TRP A 199 -5.26 -21.05 11.09
CA TRP A 199 -5.58 -19.63 11.16
C TRP A 199 -6.36 -19.21 12.41
N PRO A 200 -7.37 -20.02 12.84
CA PRO A 200 -8.01 -19.67 14.10
C PRO A 200 -7.20 -19.79 15.39
N LEU A 201 -6.00 -20.36 15.37
CA LEU A 201 -5.23 -20.58 16.57
C LEU A 201 -4.55 -19.32 17.00
N PHE A 202 -4.20 -18.47 16.04
CA PHE A 202 -3.58 -17.20 16.35
C PHE A 202 -4.39 -16.39 17.37
N PRO A 203 -5.70 -16.15 17.12
CA PRO A 203 -6.49 -15.49 18.17
C PRO A 203 -6.53 -16.16 19.56
N ILE A 204 -6.58 -17.47 19.63
CA ILE A 204 -6.59 -18.17 20.92
C ILE A 204 -5.29 -18.05 21.67
N LEU A 205 -4.18 -17.99 20.96
CA LEU A 205 -2.89 -17.84 21.59
C LEU A 205 -2.79 -16.51 22.29
N PHE A 206 -3.34 -15.44 21.70
CA PHE A 206 -3.38 -14.13 22.34
C PHE A 206 -4.06 -14.19 23.70
N LEU A 207 -5.12 -14.97 23.81
CA LEU A 207 -5.85 -15.07 25.05
C LEU A 207 -5.12 -15.75 26.17
N PHE A 208 -4.01 -16.42 25.87
CA PHE A 208 -3.27 -17.12 26.89
C PHE A 208 -1.92 -16.49 27.04
N SER A 209 -1.67 -15.44 26.31
CA SER A 209 -0.41 -14.74 26.36
C SER A 209 -0.25 -13.84 27.54
N TRP A 210 0.81 -13.06 27.58
CA TRP A 210 1.05 -12.11 28.64
C TRP A 210 0.03 -11.00 28.62
N LEU A 211 -0.66 -10.84 27.51
CA LEU A 211 -1.68 -9.83 27.38
C LEU A 211 -3.03 -10.49 27.53
N GLY A 212 -3.05 -11.69 28.05
CA GLY A 212 -4.28 -12.42 28.27
C GLY A 212 -4.08 -13.04 29.62
N THR A 213 -4.10 -14.36 29.71
CA THR A 213 -4.00 -15.02 31.00
C THR A 213 -2.61 -15.17 31.59
N GLY A 214 -1.57 -14.89 30.82
CA GLY A 214 -0.22 -14.94 31.32
C GLY A 214 0.39 -16.30 31.39
N HIS A 215 -0.02 -17.20 30.51
CA HIS A 215 0.53 -18.53 30.47
C HIS A 215 1.64 -18.60 29.47
N ILE A 216 1.48 -17.91 28.35
CA ILE A 216 2.50 -17.89 27.33
C ILE A 216 3.29 -16.61 27.33
N ASP A 217 4.60 -16.69 27.57
CA ASP A 217 5.47 -15.52 27.55
C ASP A 217 5.82 -15.16 26.13
N GLN A 218 6.58 -14.10 25.94
CA GLN A 218 6.95 -13.66 24.62
C GLN A 218 7.93 -14.56 23.93
N GLN A 219 8.84 -15.18 24.66
CA GLN A 219 9.77 -16.13 24.07
C GLN A 219 9.07 -17.33 23.53
N ALA A 220 8.16 -17.92 24.32
CA ALA A 220 7.41 -19.07 23.87
C ALA A 220 6.49 -18.72 22.76
N PHE A 221 5.90 -17.52 22.79
CA PHE A 221 5.04 -17.05 21.73
C PHE A 221 5.76 -16.94 20.42
N THR A 222 7.04 -16.58 20.45
CA THR A 222 7.84 -16.46 19.24
C THR A 222 8.11 -17.83 18.67
N ILE A 223 8.49 -18.77 19.50
CA ILE A 223 8.72 -20.13 19.05
C ILE A 223 7.45 -20.75 18.46
N ILE A 224 6.31 -20.52 19.08
CA ILE A 224 5.06 -21.04 18.58
C ILE A 224 4.71 -20.46 17.24
N HIS A 225 4.90 -19.17 17.08
CA HIS A 225 4.60 -18.52 15.84
C HIS A 225 5.57 -18.87 14.75
N ALA A 226 6.79 -19.23 15.09
CA ALA A 226 7.78 -19.65 14.12
C ALA A 226 7.40 -20.97 13.54
N PHE A 227 6.93 -21.88 14.39
CA PHE A 227 6.47 -23.17 13.94
C PHE A 227 5.19 -23.08 13.17
N LEU A 228 4.33 -22.16 13.57
CA LEU A 228 3.08 -21.95 12.86
C LEU A 228 3.35 -21.38 11.51
N ASP A 229 4.39 -20.57 11.36
CA ASP A 229 4.76 -20.01 10.08
C ASP A 229 5.48 -20.98 9.18
N LEU A 230 6.01 -22.05 9.73
CA LEU A 230 6.62 -23.04 8.91
C LEU A 230 5.54 -23.87 8.27
N PHE A 231 4.37 -23.92 8.89
CA PHE A 231 3.27 -24.67 8.36
C PHE A 231 2.35 -23.83 7.55
N CYS A 232 2.19 -22.60 7.93
CA CYS A 232 1.22 -21.75 7.28
C CYS A 232 1.78 -20.97 6.15
N LYS A 233 3.07 -21.06 5.97
CA LYS A 233 3.67 -20.42 4.83
C LYS A 233 4.25 -21.45 3.93
N THR A 234 5.27 -22.15 4.40
CA THR A 234 5.94 -23.09 3.52
C THR A 234 5.20 -24.38 3.22
N VAL A 235 4.66 -25.06 4.22
CA VAL A 235 3.88 -26.26 3.97
C VAL A 235 2.63 -25.91 3.18
N PHE A 236 1.95 -24.83 3.53
CA PHE A 236 0.80 -24.41 2.79
C PHE A 236 1.12 -24.11 1.33
N GLY A 237 2.18 -23.36 1.07
CA GLY A 237 2.56 -23.02 -0.28
C GLY A 237 3.01 -24.18 -1.10
N LEU A 238 3.62 -25.17 -0.49
CA LEU A 238 4.02 -26.35 -1.19
C LEU A 238 2.83 -27.21 -1.53
N ILE A 239 1.85 -27.28 -0.65
CA ILE A 239 0.63 -28.02 -0.93
C ILE A 239 -0.10 -27.32 -2.05
N MET A 240 -0.14 -26.02 -2.03
CA MET A 240 -0.80 -25.25 -3.06
C MET A 240 -0.12 -25.34 -4.42
N THR A 241 1.17 -25.58 -4.43
CA THR A 241 1.93 -25.72 -5.65
C THR A 241 1.67 -27.05 -6.26
N PHE A 242 1.59 -28.08 -5.45
CA PHE A 242 1.32 -29.42 -5.94
C PHE A 242 -0.12 -29.61 -6.30
N PHE A 243 -1.01 -28.80 -5.76
CA PHE A 243 -2.41 -28.84 -6.15
C PHE A 243 -2.48 -28.29 -7.55
N ARG A 244 -1.81 -27.18 -7.80
CA ARG A 244 -1.77 -26.59 -9.12
C ARG A 244 -1.08 -27.43 -10.16
N LEU A 245 -0.05 -28.16 -9.81
CA LEU A 245 0.59 -29.06 -10.73
C LEU A 245 -0.28 -30.20 -11.10
N GLU A 246 -1.06 -30.73 -10.16
CA GLU A 246 -2.02 -31.77 -10.45
C GLU A 246 -3.23 -31.26 -11.19
N LEU A 247 -3.66 -30.03 -10.91
CA LEU A 247 -4.75 -29.42 -11.62
C LEU A 247 -4.34 -29.28 -13.05
N GLU A 248 -3.19 -28.66 -13.30
CA GLU A 248 -2.77 -28.47 -14.66
C GLU A 248 -2.26 -29.69 -15.37
N GLU A 249 -2.08 -30.80 -14.68
CA GLU A 249 -1.71 -32.01 -15.35
C GLU A 249 -2.98 -32.58 -15.87
N HIS A 250 -4.09 -32.33 -15.20
CA HIS A 250 -5.38 -32.83 -15.63
C HIS A 250 -5.97 -31.94 -16.68
N THR A 251 -5.99 -30.64 -16.42
CA THR A 251 -6.64 -29.71 -17.31
C THR A 251 -5.84 -29.20 -18.48
N GLU A 252 -4.53 -29.06 -18.32
CA GLU A 252 -3.72 -28.50 -19.37
C GLU A 252 -2.98 -29.55 -20.11
N VAL A 253 -2.39 -30.49 -19.41
CA VAL A 253 -1.57 -31.47 -20.08
C VAL A 253 -2.44 -32.55 -20.66
N LEU A 254 -3.45 -33.00 -19.92
CA LEU A 254 -4.28 -34.09 -20.42
C LEU A 254 -5.54 -33.56 -21.01
N GLY A 255 -5.78 -32.26 -20.88
CA GLY A 255 -6.94 -31.64 -21.47
C GLY A 255 -8.27 -32.16 -21.03
N LEU A 256 -8.35 -32.73 -19.84
CA LEU A 256 -9.58 -33.28 -19.33
C LEU A 256 -10.30 -32.14 -18.65
N PRO A 257 -11.61 -32.29 -18.41
CA PRO A 257 -12.27 -31.12 -17.83
C PRO A 257 -12.51 -31.15 -16.33
N LEU A 258 -12.88 -30.02 -15.77
CA LEU A 258 -13.20 -29.95 -14.35
C LEU A 258 -14.66 -30.35 -14.18
N ASN A 259 -15.03 -30.87 -13.02
CA ASN A 259 -16.42 -31.29 -12.79
C ASN A 259 -17.32 -30.17 -12.36
N GLU A 260 -17.30 -29.06 -13.10
CA GLU A 260 -18.13 -27.88 -12.80
C GLU A 260 -18.91 -27.88 -11.48
N PRO B 2 4.30 4.93 14.56
CA PRO B 2 4.45 6.34 14.24
C PRO B 2 4.46 7.23 15.43
N PHE B 3 4.39 6.71 16.63
CA PHE B 3 4.19 7.54 17.81
C PHE B 3 5.35 7.54 18.78
N CYS B 4 5.53 8.64 19.50
CA CYS B 4 6.57 8.72 20.50
C CYS B 4 6.10 9.37 21.77
N GLY B 5 4.93 9.96 21.78
CA GLY B 5 4.46 10.52 23.03
C GLY B 5 3.04 11.00 23.14
N GLY B 6 2.26 10.37 24.01
CA GLY B 6 0.87 10.73 24.12
C GLY B 6 0.47 11.32 25.43
N ARG B 7 -0.45 10.68 26.13
CA ARG B 7 -0.96 11.28 27.34
C ARG B 7 0.04 11.41 28.51
N PRO B 8 0.21 12.63 29.11
CA PRO B 8 1.12 12.65 30.26
C PRO B 8 0.52 11.92 31.44
N GLU B 9 1.34 11.55 32.41
CA GLU B 9 0.87 10.80 33.58
C GLU B 9 -0.06 11.58 34.51
N ASP B 10 0.03 12.90 34.51
CA ASP B 10 -0.88 13.69 35.31
C ASP B 10 -2.10 14.05 34.48
N GLY B 11 -2.10 13.63 33.23
CA GLY B 11 -3.22 13.91 32.36
C GLY B 11 -2.82 15.06 31.49
N TRP B 12 -3.72 15.48 30.63
CA TRP B 12 -3.43 16.57 29.75
C TRP B 12 -3.40 17.84 30.53
N HIS B 13 -2.54 18.75 30.12
CA HIS B 13 -2.43 20.01 30.80
C HIS B 13 -3.52 20.91 30.31
N HIS B 14 -4.12 21.68 31.22
CA HIS B 14 -5.24 22.52 30.82
C HIS B 14 -4.75 23.67 30.01
N GLY B 15 -5.04 23.67 28.73
CA GLY B 15 -4.52 24.69 27.86
C GLY B 15 -3.87 24.01 26.69
N SER B 16 -3.90 22.69 26.68
CA SER B 16 -3.35 21.97 25.57
C SER B 16 -4.47 21.78 24.59
N ILE B 17 -4.13 21.46 23.35
CA ILE B 17 -5.13 21.23 22.34
C ILE B 17 -5.77 19.88 22.61
N HIS B 18 -5.14 19.07 23.45
CA HIS B 18 -5.63 17.75 23.73
C HIS B 18 -6.42 17.67 25.01
N ASP B 19 -6.64 18.79 25.67
CA ASP B 19 -7.49 18.78 26.84
C ASP B 19 -8.92 18.94 26.37
N MET B 20 -9.60 17.82 26.06
CA MET B 20 -10.96 17.85 25.53
C MET B 20 -11.93 17.05 26.37
N ASP B 21 -13.19 16.94 25.95
CA ASP B 21 -14.20 16.13 26.64
C ASP B 21 -14.22 14.82 25.95
N TYR B 22 -13.33 13.94 26.35
CA TYR B 22 -13.21 12.63 25.77
C TYR B 22 -14.39 11.70 25.95
N PRO B 23 -15.06 11.73 27.12
CA PRO B 23 -16.28 10.93 27.21
C PRO B 23 -17.33 11.27 26.16
N LEU B 24 -17.53 12.55 25.82
CA LEU B 24 -18.47 12.98 24.80
C LEU B 24 -18.01 12.63 23.41
N LEU B 25 -16.72 12.74 23.16
CA LEU B 25 -16.18 12.45 21.85
C LEU B 25 -16.24 10.97 21.58
N GLY B 26 -16.07 10.14 22.60
CA GLY B 26 -16.12 8.70 22.45
C GLY B 26 -17.50 8.24 22.17
N ALA B 27 -18.48 8.91 22.75
CA ALA B 27 -19.86 8.59 22.51
C ALA B 27 -20.24 8.89 21.10
N MET B 28 -19.79 10.01 20.57
CA MET B 28 -20.07 10.41 19.20
C MET B 28 -19.40 9.47 18.21
N ALA B 29 -18.21 8.99 18.52
CA ALA B 29 -17.49 8.07 17.66
C ALA B 29 -18.13 6.72 17.65
N ALA B 30 -18.74 6.32 18.75
CA ALA B 30 -19.45 5.05 18.84
C ALA B 30 -20.69 5.09 18.01
N ILE B 31 -21.40 6.20 18.02
CA ILE B 31 -22.57 6.35 17.19
C ILE B 31 -22.15 6.32 15.73
N CYS B 32 -21.12 7.06 15.37
CA CYS B 32 -20.59 7.02 14.04
C CYS B 32 -20.14 5.65 13.60
N SER B 33 -19.42 4.92 14.45
CA SER B 33 -19.01 3.56 14.14
C SER B 33 -20.16 2.66 13.74
N VAL B 34 -21.20 2.59 14.56
CA VAL B 34 -22.34 1.76 14.28
C VAL B 34 -23.13 2.24 13.07
N PHE B 35 -23.27 3.54 12.91
CA PHE B 35 -23.96 4.06 11.75
C PHE B 35 -23.21 3.84 10.44
N ILE B 36 -21.96 4.26 10.34
CA ILE B 36 -21.19 4.07 9.13
C ILE B 36 -20.90 2.61 8.83
N GLY B 37 -20.50 1.85 9.82
CA GLY B 37 -20.20 0.45 9.63
C GLY B 37 -21.42 -0.35 9.33
N GLY B 38 -22.54 -0.04 9.97
CA GLY B 38 -23.78 -0.72 9.68
C GLY B 38 -24.33 -0.39 8.33
N SER B 39 -24.10 0.82 7.84
CA SER B 39 -24.51 1.19 6.50
C SER B 39 -23.69 0.43 5.48
N GLY B 40 -22.43 0.18 5.77
CA GLY B 40 -21.58 -0.59 4.88
C GLY B 40 -21.96 -2.05 4.86
N ALA B 41 -22.51 -2.55 5.94
CA ALA B 41 -22.96 -3.92 6.01
C ALA B 41 -24.26 -4.11 5.30
N TRP B 42 -25.15 -3.12 5.33
CA TRP B 42 -26.37 -3.22 4.56
C TRP B 42 -26.03 -3.11 3.10
N MET B 43 -25.07 -2.27 2.77
CA MET B 43 -24.66 -2.11 1.40
C MET B 43 -24.10 -3.40 0.84
N LEU B 44 -23.30 -4.11 1.60
CA LEU B 44 -22.77 -5.38 1.17
C LEU B 44 -23.87 -6.38 0.99
N TYR B 45 -24.80 -6.45 1.91
CA TYR B 45 -25.94 -7.31 1.80
C TYR B 45 -26.71 -7.04 0.53
N ARG B 46 -26.99 -5.78 0.25
CA ARG B 46 -27.80 -5.43 -0.88
C ARG B 46 -27.11 -5.64 -2.21
N LEU B 47 -25.79 -5.61 -2.21
CA LEU B 47 -25.04 -5.89 -3.41
C LEU B 47 -25.29 -7.30 -3.78
N ASP B 48 -25.12 -8.20 -2.84
CA ASP B 48 -25.28 -9.61 -3.10
C ASP B 48 -26.69 -10.07 -3.37
N LEU B 49 -27.67 -9.23 -3.08
CA LEU B 49 -29.07 -9.57 -3.30
C LEU B 49 -29.41 -9.72 -4.75
N GLY B 50 -28.70 -9.01 -5.61
CA GLY B 50 -29.00 -9.06 -7.02
C GLY B 50 -28.81 -7.75 -7.71
N LEU B 51 -29.22 -7.66 -8.97
CA LEU B 51 -28.96 -6.47 -9.75
C LEU B 51 -29.69 -5.18 -9.42
N GLY B 52 -30.86 -4.93 -9.97
CA GLY B 52 -31.47 -3.65 -9.70
C GLY B 52 -32.37 -3.59 -8.51
N TYR B 53 -33.52 -2.96 -8.65
CA TYR B 53 -34.50 -2.92 -7.58
C TYR B 53 -35.26 -4.22 -7.60
N SER B 54 -35.31 -4.87 -8.75
CA SER B 54 -36.01 -6.13 -8.90
C SER B 54 -35.10 -7.28 -8.53
N CYS B 55 -33.88 -7.00 -8.12
CA CYS B 55 -32.92 -8.01 -7.72
C CYS B 55 -32.75 -9.15 -8.71
N LYS B 56 -32.42 -8.82 -9.95
CA LYS B 56 -32.16 -9.82 -10.97
C LYS B 56 -30.91 -10.53 -10.58
N PRO B 57 -30.86 -11.85 -10.73
CA PRO B 57 -29.61 -12.53 -10.44
C PRO B 57 -28.42 -11.99 -11.19
N HIS B 58 -27.29 -11.84 -10.52
CA HIS B 58 -26.07 -11.37 -11.16
C HIS B 58 -25.61 -12.31 -12.25
N HIS B 59 -24.92 -11.79 -13.24
CA HIS B 59 -24.48 -12.59 -14.39
C HIS B 59 -23.54 -13.72 -14.06
N SER B 60 -22.52 -13.44 -13.28
CA SER B 60 -21.56 -14.46 -12.90
C SER B 60 -22.03 -15.21 -11.68
N GLY B 61 -23.10 -14.73 -11.06
CA GLY B 61 -23.62 -15.35 -9.86
C GLY B 61 -23.18 -14.52 -8.70
N TYR B 62 -22.18 -13.71 -8.91
CA TYR B 62 -21.64 -12.88 -7.85
C TYR B 62 -21.57 -11.46 -8.30
N ALA B 63 -21.50 -10.55 -7.34
CA ALA B 63 -21.49 -9.14 -7.65
C ALA B 63 -20.19 -8.72 -8.26
N PRO B 64 -20.24 -7.75 -9.19
CA PRO B 64 -18.98 -7.23 -9.73
C PRO B 64 -18.08 -6.69 -8.63
N GLU B 65 -16.78 -6.90 -8.75
CA GLU B 65 -15.87 -6.52 -7.69
C GLU B 65 -15.73 -5.06 -7.40
N ALA B 66 -16.02 -4.23 -8.37
CA ALA B 66 -15.86 -2.81 -8.22
C ALA B 66 -17.16 -2.14 -7.87
N ASN B 67 -18.12 -2.91 -7.42
CA ASN B 67 -19.39 -2.37 -7.01
C ASN B 67 -19.37 -2.31 -5.52
N SER B 68 -18.29 -2.83 -4.93
CA SER B 68 -18.18 -2.90 -3.48
C SER B 68 -17.46 -1.78 -2.77
N PHE B 69 -16.99 -0.77 -3.49
CA PHE B 69 -16.19 0.29 -2.88
C PHE B 69 -16.96 1.19 -1.93
N SER B 70 -18.24 1.35 -2.16
CA SER B 70 -19.07 2.14 -1.26
C SER B 70 -19.18 1.42 0.06
N ALA B 71 -19.51 0.14 0.02
CA ALA B 71 -19.64 -0.66 1.22
C ALA B 71 -18.36 -0.73 1.97
N LEU B 72 -17.26 -0.92 1.27
CA LEU B 72 -15.97 -1.04 1.91
C LEU B 72 -15.48 0.23 2.54
N SER B 73 -15.74 1.37 1.95
CA SER B 73 -15.34 2.63 2.54
C SER B 73 -16.07 2.85 3.83
N CYS B 74 -17.34 2.48 3.88
CA CYS B 74 -18.14 2.64 5.06
C CYS B 74 -17.79 1.66 6.14
N LEU B 75 -17.47 0.44 5.77
CA LEU B 75 -17.07 -0.57 6.72
C LEU B 75 -15.70 -0.29 7.29
N VAL B 76 -14.80 0.27 6.50
CA VAL B 76 -13.47 0.63 6.98
C VAL B 76 -13.54 1.87 7.86
N SER B 77 -14.37 2.84 7.52
CA SER B 77 -14.53 4.00 8.36
C SER B 77 -15.25 3.72 9.65
N GLY B 78 -16.14 2.74 9.67
CA GLY B 78 -16.77 2.36 10.91
C GLY B 78 -15.81 1.66 11.81
N THR B 79 -14.86 0.93 11.25
CA THR B 79 -13.82 0.29 12.04
C THR B 79 -12.83 1.31 12.58
N ILE B 80 -12.49 2.32 11.79
CA ILE B 80 -11.62 3.38 12.24
C ILE B 80 -12.31 4.20 13.32
N TYR B 81 -13.60 4.37 13.24
CA TYR B 81 -14.33 5.07 14.28
C TYR B 81 -14.47 4.27 15.54
N ALA B 82 -14.38 2.94 15.47
CA ALA B 82 -14.37 2.09 16.66
C ALA B 82 -13.03 2.23 17.35
N ALA B 83 -11.95 2.33 16.59
CA ALA B 83 -10.64 2.58 17.14
C ALA B 83 -10.60 3.93 17.78
N LYS B 84 -11.26 4.90 17.19
CA LYS B 84 -11.37 6.22 17.76
C LYS B 84 -12.15 6.25 19.06
N THR B 85 -13.22 5.47 19.20
CA THR B 85 -13.95 5.41 20.45
C THR B 85 -13.10 4.80 21.54
N PHE B 86 -12.26 3.85 21.20
CA PHE B 86 -11.38 3.23 22.15
C PHE B 86 -10.36 4.22 22.66
N ASP B 87 -9.78 5.03 21.77
CA ASP B 87 -8.86 6.09 22.18
C ASP B 87 -9.53 7.17 23.02
N PHE B 88 -10.68 7.66 22.60
CA PHE B 88 -11.37 8.66 23.36
C PHE B 88 -11.82 8.18 24.73
N PHE B 89 -12.22 6.91 24.84
CA PHE B 89 -12.65 6.36 26.12
C PHE B 89 -11.48 5.99 27.01
N ASP B 90 -10.27 5.98 26.48
CA ASP B 90 -9.09 5.78 27.27
C ASP B 90 -8.48 7.15 27.61
N GLY B 91 -9.05 8.24 27.12
CA GLY B 91 -8.60 9.58 27.46
C GLY B 91 -7.69 10.26 26.51
N GLY B 92 -7.51 9.71 25.32
CA GLY B 92 -6.59 10.26 24.36
C GLY B 92 -5.14 9.87 24.44
N GLY B 93 -4.40 10.07 23.35
CA GLY B 93 -2.99 9.77 23.30
C GLY B 93 -2.58 8.36 23.56
N THR B 94 -3.20 7.39 22.91
CA THR B 94 -2.93 6.02 23.22
C THR B 94 -2.03 5.60 22.11
N PRO B 95 -1.26 4.53 22.29
CA PRO B 95 -0.30 4.14 21.25
C PRO B 95 -0.90 4.03 19.86
N PHE B 96 -2.04 3.39 19.71
CA PHE B 96 -2.70 3.27 18.42
C PHE B 96 -3.85 4.25 18.40
N SER B 97 -3.60 5.46 18.01
CA SER B 97 -4.64 6.47 18.00
C SER B 97 -4.95 6.95 16.61
N PHE B 98 -6.21 6.86 16.22
CA PHE B 98 -6.61 7.27 14.90
C PHE B 98 -7.20 8.64 15.07
N ASN B 99 -6.92 9.24 16.19
CA ASN B 99 -7.36 10.58 16.44
C ASN B 99 -6.18 11.49 16.39
N TRP B 100 -5.03 11.03 16.82
CA TRP B 100 -3.83 11.86 16.87
C TRP B 100 -3.42 12.54 15.58
N TYR B 101 -3.23 11.77 14.53
CA TYR B 101 -2.79 12.33 13.27
C TYR B 101 -3.97 12.61 12.42
N TRP B 102 -4.28 13.88 12.25
CA TRP B 102 -5.41 14.27 11.48
C TRP B 102 -5.24 13.95 10.04
N TYR B 103 -6.28 13.40 9.41
CA TYR B 103 -6.31 13.10 7.99
C TYR B 103 -5.64 11.81 7.61
N LEU B 104 -5.09 11.09 8.58
CA LEU B 104 -4.53 9.77 8.31
C LEU B 104 -5.61 8.76 8.06
N ASP B 105 -6.72 8.88 8.76
CA ASP B 105 -7.85 8.01 8.52
C ASP B 105 -8.41 8.23 7.14
N TYR B 106 -8.26 9.43 6.60
CA TYR B 106 -8.76 9.75 5.29
C TYR B 106 -7.87 9.22 4.21
N VAL B 107 -6.61 8.96 4.51
CA VAL B 107 -5.68 8.36 3.56
C VAL B 107 -6.17 6.98 3.20
N PHE B 108 -6.85 6.33 4.12
CA PHE B 108 -7.34 4.99 3.88
C PHE B 108 -8.78 4.87 3.42
N THR B 109 -9.59 5.90 3.61
CA THR B 109 -10.99 5.82 3.27
C THR B 109 -11.41 6.56 2.03
N CYS B 110 -10.85 7.73 1.82
CA CYS B 110 -11.19 8.56 0.66
C CYS B 110 -10.80 8.05 -0.69
N PRO B 111 -9.67 7.32 -0.80
CA PRO B 111 -9.43 6.70 -2.08
C PRO B 111 -10.54 5.72 -2.47
N LEU B 112 -11.15 5.03 -1.54
CA LEU B 112 -12.24 4.10 -1.81
C LEU B 112 -13.54 4.76 -2.18
N ILE B 113 -13.81 5.92 -1.63
CA ILE B 113 -14.97 6.70 -2.02
C ILE B 113 -14.79 7.17 -3.45
N LEU B 114 -13.57 7.57 -3.79
CA LEU B 114 -13.27 8.01 -5.12
C LEU B 114 -13.34 6.89 -6.12
N LEU B 115 -12.83 5.72 -5.78
CA LEU B 115 -12.89 4.54 -6.66
C LEU B 115 -14.31 4.17 -6.95
N ASP B 116 -15.19 4.31 -5.98
CA ASP B 116 -16.60 4.07 -6.16
C ASP B 116 -17.12 4.97 -7.29
N VAL B 117 -16.86 6.26 -7.27
CA VAL B 117 -17.25 7.15 -8.35
C VAL B 117 -16.60 6.81 -9.67
N LEU B 118 -15.30 6.58 -9.68
CA LEU B 118 -14.58 6.29 -10.90
C LEU B 118 -15.08 5.07 -11.60
N TYR B 119 -15.40 4.03 -10.85
CA TYR B 119 -15.89 2.83 -11.45
C TYR B 119 -17.35 2.86 -11.80
N THR B 120 -18.18 3.44 -10.94
CA THR B 120 -19.59 3.56 -11.23
C THR B 120 -19.84 4.43 -12.43
N LEU B 121 -19.15 5.55 -12.53
CA LEU B 121 -19.37 6.47 -13.62
C LEU B 121 -18.47 6.23 -14.78
N GLU B 122 -17.66 5.18 -14.73
CA GLU B 122 -16.74 4.82 -15.80
C GLU B 122 -15.89 6.02 -16.16
N ILE B 123 -15.13 6.49 -15.20
CA ILE B 123 -14.32 7.66 -15.40
C ILE B 123 -12.88 7.31 -15.87
N PRO B 124 -12.31 7.98 -16.93
CA PRO B 124 -10.92 7.72 -17.30
C PRO B 124 -9.88 8.22 -16.29
N HIS B 125 -8.62 7.88 -16.49
CA HIS B 125 -7.52 8.33 -15.63
C HIS B 125 -7.67 7.96 -14.19
N LYS B 126 -8.14 6.75 -13.92
CA LYS B 126 -8.34 6.31 -12.56
C LYS B 126 -7.09 6.35 -11.71
N LEU B 127 -5.95 5.94 -12.26
CA LEU B 127 -4.69 5.98 -11.54
C LEU B 127 -4.26 7.37 -11.19
N ARG B 128 -4.39 8.29 -12.13
CA ARG B 128 -4.02 9.66 -11.90
C ARG B 128 -4.86 10.28 -10.83
N PHE B 129 -6.14 9.97 -10.81
CA PHE B 129 -7.04 10.51 -9.82
C PHE B 129 -6.81 9.96 -8.43
N VAL B 130 -6.52 8.68 -8.32
CA VAL B 130 -6.28 8.07 -7.01
C VAL B 130 -4.98 8.55 -6.46
N PHE B 131 -3.93 8.56 -7.30
CA PHE B 131 -2.64 9.06 -6.87
C PHE B 131 -2.79 10.48 -6.40
N ALA B 132 -3.46 11.33 -7.16
CA ALA B 132 -3.71 12.70 -6.76
C ALA B 132 -4.27 12.83 -5.38
N VAL B 133 -5.38 12.15 -5.10
CA VAL B 133 -5.98 12.18 -3.78
C VAL B 133 -5.09 11.68 -2.64
N ILE B 134 -4.25 10.70 -2.89
CA ILE B 134 -3.38 10.20 -1.87
C ILE B 134 -2.33 11.25 -1.57
N ILE B 135 -1.74 11.85 -2.58
CA ILE B 135 -0.80 12.92 -2.37
C ILE B 135 -1.39 14.02 -1.53
N THR B 136 -2.53 14.52 -1.92
CA THR B 136 -3.20 15.56 -1.19
C THR B 136 -3.47 15.28 0.28
N LEU B 137 -3.86 14.07 0.60
CA LEU B 137 -4.15 13.71 1.97
C LEU B 137 -2.94 13.59 2.81
N TRP B 138 -1.82 13.23 2.23
CA TRP B 138 -0.57 13.16 2.94
C TRP B 138 0.02 14.52 3.18
N CYS B 139 -0.33 15.48 2.34
CA CYS B 139 0.09 16.85 2.51
C CYS B 139 -0.67 17.43 3.65
N GLY B 140 -1.90 16.98 3.87
CA GLY B 140 -2.70 17.41 4.99
C GLY B 140 -2.25 16.77 6.25
N VAL B 141 -1.83 15.53 6.20
CA VAL B 141 -1.27 14.87 7.36
C VAL B 141 -0.04 15.65 7.78
N ALA B 142 0.82 15.99 6.84
CA ALA B 142 2.02 16.75 7.12
C ALA B 142 1.78 18.15 7.61
N ALA B 143 0.74 18.83 7.14
CA ALA B 143 0.39 20.15 7.60
C ALA B 143 -0.07 20.20 9.03
N PHE B 144 -0.70 19.13 9.50
CA PHE B 144 -1.16 19.07 10.86
C PHE B 144 -0.04 18.71 11.79
N VAL B 145 0.98 18.06 11.29
CA VAL B 145 2.12 17.64 12.09
C VAL B 145 3.23 18.71 12.19
N THR B 146 3.37 19.58 11.18
CA THR B 146 4.39 20.63 11.20
C THR B 146 4.05 21.77 12.14
N PRO B 147 4.98 22.09 13.04
CA PRO B 147 4.73 23.14 14.01
C PRO B 147 5.14 24.53 13.57
N SER B 148 5.47 24.73 12.31
CA SER B 148 5.94 26.01 11.83
C SER B 148 5.02 26.51 10.75
N ALA B 149 5.42 27.59 10.08
CA ALA B 149 4.64 28.13 8.98
C ALA B 149 4.89 27.38 7.70
N PHE B 150 5.62 26.28 7.77
CA PHE B 150 5.87 25.43 6.63
C PHE B 150 4.71 24.49 6.55
N ARG B 151 3.76 24.57 7.46
CA ARG B 151 2.55 23.80 7.42
C ARG B 151 1.68 24.36 6.34
N PHE B 152 1.90 25.63 6.01
CA PHE B 152 1.15 26.29 4.98
C PHE B 152 1.77 26.00 3.66
N GLY B 153 2.99 25.48 3.64
CA GLY B 153 3.61 25.05 2.42
C GLY B 153 3.11 23.69 2.07
N TYR B 154 2.96 22.81 3.04
CA TYR B 154 2.37 21.49 2.77
C TYR B 154 0.92 21.64 2.41
N TYR B 155 0.22 22.58 3.02
CA TYR B 155 -1.15 22.84 2.69
C TYR B 155 -1.30 23.29 1.28
N ALA B 156 -0.45 24.22 0.86
CA ALA B 156 -0.48 24.73 -0.50
C ALA B 156 -0.05 23.72 -1.56
N VAL B 157 0.79 22.77 -1.21
CA VAL B 157 1.18 21.74 -2.16
C VAL B 157 0.02 20.79 -2.40
N GLY B 158 -0.79 20.53 -1.39
CA GLY B 158 -1.96 19.71 -1.60
C GLY B 158 -3.00 20.46 -2.40
N CYS B 159 -3.11 21.76 -2.20
CA CYS B 159 -4.01 22.57 -3.00
C CYS B 159 -3.60 22.56 -4.47
N VAL B 160 -2.32 22.46 -4.75
CA VAL B 160 -1.83 22.39 -6.12
C VAL B 160 -2.13 21.02 -6.71
N TRP B 161 -2.48 20.05 -5.89
CA TRP B 161 -2.84 18.76 -6.37
C TRP B 161 -4.35 18.57 -6.41
N PHE B 162 -5.07 19.27 -5.55
CA PHE B 162 -6.50 19.13 -5.46
C PHE B 162 -7.29 19.99 -6.41
N VAL B 163 -6.90 21.23 -6.58
CA VAL B 163 -7.59 22.09 -7.52
C VAL B 163 -7.57 21.46 -8.96
N PRO B 164 -6.40 21.05 -9.54
CA PRO B 164 -6.45 20.33 -10.82
C PRO B 164 -7.30 19.07 -10.78
N PHE B 165 -7.15 18.19 -9.80
CA PHE B 165 -7.97 16.99 -9.62
C PHE B 165 -9.45 17.25 -9.65
N SER B 166 -9.92 18.21 -8.87
CA SER B 166 -11.33 18.48 -8.78
C SER B 166 -11.94 19.08 -10.03
N PHE B 167 -11.18 19.85 -10.76
CA PHE B 167 -11.67 20.43 -11.99
C PHE B 167 -11.69 19.42 -13.09
N SER B 168 -10.71 18.53 -13.10
CA SER B 168 -10.67 17.49 -14.08
C SER B 168 -11.76 16.48 -13.83
N LEU B 169 -12.04 16.17 -12.58
CA LEU B 169 -13.10 15.26 -12.26
C LEU B 169 -14.45 15.85 -12.52
N LEU B 170 -14.66 17.11 -12.20
CA LEU B 170 -15.92 17.73 -12.53
C LEU B 170 -16.19 17.69 -14.02
N ARG B 171 -15.19 17.90 -14.84
CA ARG B 171 -15.37 17.85 -16.27
C ARG B 171 -15.77 16.48 -16.70
N HIS B 172 -15.09 15.47 -16.18
CA HIS B 172 -15.40 14.10 -16.51
C HIS B 172 -16.76 13.65 -16.04
N VAL B 173 -17.17 14.04 -14.86
CA VAL B 173 -18.49 13.68 -14.37
C VAL B 173 -19.62 14.43 -15.05
N LYS B 174 -19.34 15.56 -15.65
CA LYS B 174 -20.35 16.28 -16.37
C LYS B 174 -20.56 15.62 -17.70
N GLN B 175 -19.50 15.07 -18.25
CA GLN B 175 -19.61 14.34 -19.50
C GLN B 175 -20.41 13.08 -19.31
N ARG B 176 -20.18 12.39 -18.21
CA ARG B 176 -20.89 11.17 -17.93
C ARG B 176 -22.33 11.41 -17.53
N TYR B 177 -22.62 12.51 -16.87
CA TYR B 177 -23.96 12.84 -16.44
C TYR B 177 -24.97 12.74 -17.55
N GLN B 178 -24.63 13.18 -18.75
CA GLN B 178 -25.56 13.17 -19.86
C GLN B 178 -25.88 11.82 -20.47
N VAL B 179 -25.10 10.81 -20.13
CA VAL B 179 -25.32 9.47 -20.62
C VAL B 179 -26.41 8.85 -19.82
N TYR B 180 -26.56 9.26 -18.57
CA TYR B 180 -27.52 8.63 -17.69
C TYR B 180 -28.96 9.00 -17.89
N PRO B 181 -29.88 8.08 -17.53
CA PRO B 181 -31.32 8.35 -17.66
C PRO B 181 -31.81 9.36 -16.66
N PRO B 182 -32.91 10.05 -16.95
CA PRO B 182 -33.40 11.11 -16.08
C PRO B 182 -33.52 10.77 -14.61
N LYS B 183 -34.00 9.58 -14.26
CA LYS B 183 -34.09 9.15 -12.87
C LYS B 183 -32.75 8.92 -12.18
N CYS B 184 -31.75 8.47 -12.92
CA CYS B 184 -30.44 8.24 -12.35
C CYS B 184 -29.68 9.54 -12.28
N GLN B 185 -30.04 10.51 -13.11
CA GLN B 185 -29.41 11.82 -13.09
C GLN B 185 -29.87 12.61 -11.89
N LYS B 186 -31.07 12.33 -11.40
CA LYS B 186 -31.55 12.96 -10.19
C LYS B 186 -30.81 12.49 -8.94
N ILE B 187 -30.51 11.20 -8.86
CA ILE B 187 -29.73 10.69 -7.75
C ILE B 187 -28.32 11.20 -7.84
N LEU B 188 -27.79 11.29 -9.06
CA LEU B 188 -26.42 11.71 -9.24
C LEU B 188 -26.20 13.14 -8.90
N PHE B 189 -27.18 14.00 -9.09
CA PHE B 189 -27.06 15.39 -8.71
C PHE B 189 -26.66 15.48 -7.28
N TRP B 190 -27.36 14.75 -6.41
CA TRP B 190 -27.06 14.76 -4.99
C TRP B 190 -25.75 14.14 -4.58
N ALA B 191 -25.24 13.19 -5.34
CA ALA B 191 -23.95 12.63 -5.06
C ALA B 191 -22.90 13.63 -5.40
N CYS B 192 -23.10 14.36 -6.48
CA CYS B 192 -22.15 15.37 -6.93
C CYS B 192 -22.08 16.57 -6.01
N THR B 193 -23.14 16.83 -5.25
CA THR B 193 -23.13 17.92 -4.30
C THR B 193 -22.42 17.57 -3.01
N ILE B 194 -22.24 16.29 -2.74
CA ILE B 194 -21.50 15.87 -1.56
C ILE B 194 -20.05 15.67 -1.94
N PHE B 195 -19.82 15.25 -3.17
CA PHE B 195 -18.47 15.00 -3.59
C PHE B 195 -17.75 16.27 -3.97
N PHE B 196 -18.46 17.24 -4.51
CA PHE B 196 -17.80 18.43 -5.00
C PHE B 196 -18.21 19.63 -4.19
N GLY B 197 -19.12 19.44 -3.25
CA GLY B 197 -19.54 20.53 -2.41
C GLY B 197 -19.02 20.39 -1.01
N PHE B 198 -18.76 19.17 -0.58
CA PHE B 198 -18.35 18.96 0.80
C PHE B 198 -16.88 18.71 0.85
N TRP B 199 -16.33 18.09 -0.17
CA TRP B 199 -14.88 17.87 -0.25
C TRP B 199 -14.05 19.14 -0.13
N PRO B 200 -14.45 20.26 -0.80
CA PRO B 200 -13.70 21.49 -0.58
C PRO B 200 -13.78 22.14 0.81
N LEU B 201 -14.63 21.67 1.72
CA LEU B 201 -14.79 22.30 3.01
C LEU B 201 -13.69 21.91 3.94
N PHE B 202 -13.17 20.71 3.77
CA PHE B 202 -12.06 20.23 4.58
C PHE B 202 -10.88 21.22 4.57
N PRO B 203 -10.37 21.62 3.38
CA PRO B 203 -9.33 22.66 3.40
C PRO B 203 -9.68 24.00 4.09
N ILE B 204 -10.89 24.49 3.95
CA ILE B 204 -11.29 25.74 4.60
C ILE B 204 -11.36 25.63 6.10
N LEU B 205 -11.73 24.47 6.61
CA LEU B 205 -11.80 24.28 8.05
C LEU B 205 -10.42 24.36 8.65
N PHE B 206 -9.39 23.85 7.98
CA PHE B 206 -8.01 23.97 8.44
C PHE B 206 -7.62 25.43 8.65
N LEU B 207 -8.07 26.29 7.77
CA LEU B 207 -7.72 27.70 7.87
C LEU B 207 -8.33 28.43 9.03
N PHE B 208 -9.30 27.83 9.69
CA PHE B 208 -9.95 28.48 10.81
C PHE B 208 -9.68 27.71 12.06
N SER B 209 -8.89 26.66 11.96
CA SER B 209 -8.55 25.85 13.09
C SER B 209 -7.50 26.43 13.98
N TRP B 210 -7.02 25.68 14.95
CA TRP B 210 -5.98 26.11 15.84
C TRP B 210 -4.66 26.26 15.11
N LEU B 211 -4.55 25.69 13.93
CA LEU B 211 -3.36 25.80 13.12
C LEU B 211 -3.61 26.82 12.04
N GLY B 212 -4.64 27.62 12.20
CA GLY B 212 -4.97 28.64 11.24
C GLY B 212 -5.34 29.81 12.11
N THR B 213 -6.56 30.31 12.01
CA THR B 213 -6.95 31.50 12.75
C THR B 213 -7.34 31.30 14.20
N GLY B 214 -7.49 30.06 14.65
CA GLY B 214 -7.79 29.78 16.03
C GLY B 214 -9.22 29.94 16.43
N HIS B 215 -10.13 29.73 15.50
CA HIS B 215 -11.55 29.83 15.79
C HIS B 215 -12.09 28.47 16.13
N ILE B 216 -11.63 27.45 15.44
CA ILE B 216 -12.07 26.10 15.70
C ILE B 216 -11.06 25.29 16.47
N ASP B 217 -11.43 24.84 17.67
CA ASP B 217 -10.56 24.02 18.49
C ASP B 217 -10.59 22.59 18.02
N GLN B 218 -9.82 21.72 18.63
CA GLN B 218 -9.76 20.33 18.23
C GLN B 218 -11.00 19.54 18.55
N GLN B 219 -11.67 19.86 19.65
CA GLN B 219 -12.92 19.20 19.98
C GLN B 219 -13.99 19.51 18.97
N ALA B 220 -14.16 20.78 18.62
CA ALA B 220 -15.14 21.17 17.63
C ALA B 220 -14.79 20.65 16.29
N PHE B 221 -13.51 20.59 15.95
CA PHE B 221 -13.05 20.06 14.69
C PHE B 221 -13.40 18.60 14.54
N THR B 222 -13.38 17.86 15.64
CA THR B 222 -13.72 16.44 15.63
C THR B 222 -15.19 16.26 15.39
N ILE B 223 -16.01 17.02 16.08
CA ILE B 223 -17.44 16.97 15.86
C ILE B 223 -17.82 17.34 14.44
N ILE B 224 -17.19 18.36 13.87
CA ILE B 224 -17.46 18.77 12.51
C ILE B 224 -17.09 17.68 11.53
N HIS B 225 -15.96 17.07 11.73
CA HIS B 225 -15.52 16.02 10.84
C HIS B 225 -16.31 14.77 10.98
N ALA B 226 -16.89 14.52 12.14
CA ALA B 226 -17.73 13.36 12.35
C ALA B 226 -19.01 13.51 11.58
N PHE B 227 -19.58 14.70 11.59
CA PHE B 227 -20.77 14.99 10.83
C PHE B 227 -20.51 15.00 9.35
N LEU B 228 -19.34 15.47 8.97
CA LEU B 228 -18.96 15.49 7.57
C LEU B 228 -18.76 14.09 7.08
N ASP B 229 -18.30 13.20 7.92
CA ASP B 229 -18.12 11.80 7.56
C ASP B 229 -19.40 11.02 7.54
N LEU B 230 -20.44 11.51 8.17
CA LEU B 230 -21.70 10.85 8.11
C LEU B 230 -22.33 11.14 6.78
N PHE B 231 -21.95 12.26 6.17
CA PHE B 231 -22.49 12.64 4.89
C PHE B 231 -21.62 12.19 3.77
N CYS B 232 -20.33 12.22 3.97
CA CYS B 232 -19.42 11.92 2.90
C CYS B 232 -19.06 10.49 2.80
N LYS B 233 -19.50 9.70 3.75
CA LYS B 233 -19.27 8.30 3.65
C LYS B 233 -20.58 7.59 3.52
N THR B 234 -21.41 7.66 4.54
CA THR B 234 -22.64 6.91 4.50
C THR B 234 -23.74 7.44 3.59
N VAL B 235 -24.04 8.73 3.64
CA VAL B 235 -25.02 9.30 2.73
C VAL B 235 -24.53 9.21 1.31
N PHE B 236 -23.28 9.50 1.07
CA PHE B 236 -22.72 9.36 -0.25
C PHE B 236 -22.81 7.95 -0.79
N GLY B 237 -22.44 6.96 0.01
CA GLY B 237 -22.47 5.58 -0.41
C GLY B 237 -23.85 5.05 -0.63
N LEU B 238 -24.82 5.53 0.11
CA LEU B 238 -26.19 5.13 -0.07
C LEU B 238 -26.76 5.74 -1.32
N ILE B 239 -26.40 6.98 -1.64
CA ILE B 239 -26.84 7.60 -2.87
C ILE B 239 -26.22 6.88 -4.03
N MET B 240 -24.97 6.50 -3.91
CA MET B 240 -24.29 5.78 -4.97
C MET B 240 -24.82 4.38 -5.19
N THR B 241 -25.37 3.77 -4.15
CA THR B 241 -25.94 2.44 -4.25
C THR B 241 -27.26 2.51 -4.94
N PHE B 242 -28.06 3.52 -4.65
CA PHE B 242 -29.34 3.68 -5.28
C PHE B 242 -29.24 4.19 -6.68
N PHE B 243 -28.12 4.83 -7.02
CA PHE B 243 -27.88 5.24 -8.39
C PHE B 243 -27.62 4.00 -9.19
N ARG B 244 -26.79 3.11 -8.67
CA ARG B 244 -26.50 1.85 -9.33
C ARG B 244 -27.70 0.93 -9.43
N LEU B 245 -28.58 0.90 -8.47
CA LEU B 245 -29.78 0.10 -8.55
C LEU B 245 -30.70 0.62 -9.60
N GLU B 246 -30.81 1.93 -9.76
CA GLU B 246 -31.61 2.52 -10.81
C GLU B 246 -30.96 2.38 -12.17
N LEU B 247 -29.65 2.46 -12.23
CA LEU B 247 -28.93 2.25 -13.46
C LEU B 247 -29.19 0.85 -13.92
N GLU B 248 -28.95 -0.12 -13.07
CA GLU B 248 -29.14 -1.48 -13.47
C GLU B 248 -30.57 -1.93 -13.58
N GLU B 249 -31.52 -1.14 -13.15
CA GLU B 249 -32.90 -1.49 -13.35
C GLU B 249 -33.21 -1.08 -14.75
N HIS B 250 -32.57 -0.04 -15.25
CA HIS B 250 -32.79 0.44 -16.60
C HIS B 250 -32.00 -0.37 -17.58
N THR B 251 -30.72 -0.56 -17.32
CA THR B 251 -29.86 -1.22 -18.26
C THR B 251 -29.82 -2.73 -18.21
N GLU B 252 -29.99 -3.31 -17.04
CA GLU B 252 -29.87 -4.75 -16.92
C GLU B 252 -31.20 -5.41 -16.83
N VAL B 253 -32.11 -4.86 -16.05
CA VAL B 253 -33.38 -5.50 -15.86
C VAL B 253 -34.30 -5.19 -17.01
N LEU B 254 -34.31 -3.94 -17.46
CA LEU B 254 -35.23 -3.57 -18.54
C LEU B 254 -34.52 -3.55 -19.85
N GLY B 255 -33.20 -3.73 -19.84
CA GLY B 255 -32.43 -3.81 -21.06
C GLY B 255 -32.49 -2.60 -21.96
N LEU B 256 -32.78 -1.43 -21.40
CA LEU B 256 -32.88 -0.23 -22.17
C LEU B 256 -31.47 0.34 -22.26
N PRO B 257 -31.25 1.25 -23.21
CA PRO B 257 -29.85 1.69 -23.30
C PRO B 257 -29.51 3.03 -22.65
N LEU B 258 -28.23 3.31 -22.52
CA LEU B 258 -27.81 4.59 -21.97
C LEU B 258 -27.77 5.60 -23.11
N ASN B 259 -27.94 6.88 -22.82
CA ASN B 259 -27.95 7.92 -23.86
C ASN B 259 -26.55 8.37 -24.24
N GLU B 260 -25.65 7.43 -24.53
CA GLU B 260 -24.26 7.74 -24.92
C GLU B 260 -23.81 9.19 -24.80
N PRO C 2 6.48 7.90 12.26
CA PRO C 2 7.70 7.13 12.35
C PRO C 2 8.78 7.81 13.12
N PHE C 3 8.56 8.97 13.69
CA PHE C 3 9.63 9.74 14.29
C PHE C 3 9.52 9.94 15.77
N CYS C 4 10.66 10.07 16.44
CA CYS C 4 10.66 10.30 17.87
C CYS C 4 11.67 11.36 18.27
N GLY C 5 12.53 11.79 17.37
CA GLY C 5 13.42 12.86 17.76
C GLY C 5 14.26 13.54 16.71
N GLY C 6 14.03 14.82 16.50
CA GLY C 6 14.75 15.52 15.46
C GLY C 6 15.68 16.59 15.94
N ARG C 7 15.46 17.82 15.51
CA ARG C 7 16.40 18.86 15.84
C ARG C 7 16.50 19.24 17.35
N PRO C 8 17.73 19.26 17.95
CA PRO C 8 17.74 19.70 19.34
C PRO C 8 17.44 21.19 19.44
N GLU C 9 17.08 21.65 20.63
CA GLU C 9 16.73 23.05 20.83
C GLU C 9 17.88 24.04 20.67
N ASP C 10 19.11 23.58 20.88
CA ASP C 10 20.26 24.44 20.67
C ASP C 10 20.74 24.30 19.24
N GLY C 11 20.09 23.43 18.48
CA GLY C 11 20.47 23.22 17.11
C GLY C 11 21.28 21.97 17.06
N TRP C 12 21.74 21.61 15.88
CA TRP C 12 22.51 20.42 15.73
C TRP C 12 23.86 20.63 16.32
N HIS C 13 24.42 19.58 16.89
CA HIS C 13 25.72 19.68 17.50
C HIS C 13 26.76 19.58 16.42
N HIS C 14 27.82 20.37 16.51
CA HIS C 14 28.82 20.37 15.45
C HIS C 14 29.62 19.11 15.52
N GLY C 15 29.43 18.24 14.56
CA GLY C 15 30.10 16.96 14.59
C GLY C 15 29.05 15.91 14.40
N SER C 16 27.80 16.32 14.23
CA SER C 16 26.75 15.36 13.98
C SER C 16 26.67 15.21 12.49
N ILE C 17 26.03 14.15 12.04
CA ILE C 17 25.87 13.93 10.62
C ILE C 17 24.82 14.90 10.11
N HIS C 18 24.05 15.50 11.01
CA HIS C 18 22.99 16.37 10.64
C HIS C 18 23.37 17.82 10.71
N ASP C 19 24.62 18.13 11.02
CA ASP C 19 25.07 19.50 10.98
C ASP C 19 25.48 19.81 9.56
N MET C 20 24.54 20.25 8.72
CA MET C 20 24.81 20.53 7.32
C MET C 20 24.47 21.96 6.91
N ASP C 21 24.61 22.29 5.63
CA ASP C 21 24.23 23.62 5.12
C ASP C 21 22.87 23.48 4.57
N TYR C 22 21.89 23.61 5.44
CA TYR C 22 20.51 23.49 5.07
C TYR C 22 19.96 24.54 4.12
N PRO C 23 20.40 25.81 4.24
CA PRO C 23 19.97 26.76 3.21
C PRO C 23 20.35 26.35 1.79
N LEU C 24 21.54 25.79 1.57
CA LEU C 24 21.99 25.31 0.26
C LEU C 24 21.26 24.07 -0.19
N LEU C 25 20.99 23.18 0.74
CA LEU C 25 20.31 21.95 0.41
C LEU C 25 18.88 22.22 0.05
N GLY C 26 18.25 23.20 0.69
CA GLY C 26 16.87 23.55 0.41
C GLY C 26 16.73 24.19 -0.92
N ALA C 27 17.72 24.95 -1.32
CA ALA C 27 17.73 25.57 -2.62
C ALA C 27 17.84 24.54 -3.70
N MET C 28 18.68 23.53 -3.52
CA MET C 28 18.84 22.46 -4.48
C MET C 28 17.58 21.62 -4.59
N ALA C 29 16.89 21.40 -3.49
CA ALA C 29 15.66 20.62 -3.48
C ALA C 29 14.55 21.37 -4.15
N ALA C 30 14.55 22.69 -4.07
CA ALA C 30 13.55 23.51 -4.72
C ALA C 30 13.74 23.48 -6.21
N ILE C 31 14.98 23.51 -6.67
CA ILE C 31 15.25 23.39 -8.08
C ILE C 31 14.82 22.02 -8.57
N CYS C 32 15.18 20.98 -7.85
CA CYS C 32 14.75 19.65 -8.18
C CYS C 32 13.24 19.49 -8.19
N SER C 33 12.54 20.02 -7.20
CA SER C 33 11.08 19.99 -7.18
C SER C 33 10.45 20.55 -8.44
N VAL C 34 10.81 21.75 -8.83
CA VAL C 34 10.27 22.38 -10.01
C VAL C 34 10.68 21.67 -11.29
N PHE C 35 11.91 21.20 -11.36
CA PHE C 35 12.34 20.48 -12.53
C PHE C 35 11.69 19.11 -12.68
N ILE C 36 11.74 18.26 -11.67
CA ILE C 36 11.13 16.95 -11.75
C ILE C 36 9.61 17.01 -11.83
N GLY C 37 8.98 17.83 -11.01
CA GLY C 37 7.54 17.96 -11.02
C GLY C 37 7.04 18.60 -12.28
N GLY C 38 7.76 19.58 -12.79
CA GLY C 38 7.38 20.21 -14.04
C GLY C 38 7.55 19.31 -15.23
N SER C 39 8.53 18.42 -15.19
CA SER C 39 8.72 17.45 -16.24
C SER C 39 7.59 16.44 -16.23
N GLY C 40 7.08 16.10 -15.06
CA GLY C 40 5.96 15.20 -14.95
C GLY C 40 4.68 15.81 -15.42
N ALA C 41 4.57 17.13 -15.31
CA ALA C 41 3.40 17.84 -15.78
C ALA C 41 3.41 18.00 -17.26
N TRP C 42 4.57 18.18 -17.87
CA TRP C 42 4.65 18.22 -19.31
C TRP C 42 4.36 16.85 -19.85
N MET C 43 4.84 15.83 -19.16
CA MET C 43 4.61 14.47 -19.59
C MET C 43 3.14 14.13 -19.58
N LEU C 44 2.42 14.56 -18.57
CA LEU C 44 1.00 14.33 -18.51
C LEU C 44 0.29 15.06 -19.62
N TYR C 45 0.65 16.30 -19.86
CA TYR C 45 0.11 17.06 -20.94
C TYR C 45 0.31 16.36 -22.26
N ARG C 46 1.52 15.89 -22.52
CA ARG C 46 1.83 15.28 -23.79
C ARG C 46 1.18 13.94 -23.99
N LEU C 47 0.87 13.25 -22.91
CA LEU C 47 0.18 11.99 -23.01
C LEU C 47 -1.17 12.25 -23.57
N ASP C 48 -1.87 13.20 -22.99
CA ASP C 48 -3.22 13.51 -23.41
C ASP C 48 -3.34 14.17 -24.77
N LEU C 49 -2.24 14.65 -25.32
CA LEU C 49 -2.25 15.30 -26.62
C LEU C 49 -2.59 14.35 -27.74
N GLY C 50 -2.28 13.08 -27.56
CA GLY C 50 -2.54 12.12 -28.62
C GLY C 50 -1.48 11.06 -28.72
N LEU C 51 -1.54 10.25 -29.76
CA LEU C 51 -0.63 9.11 -29.86
C LEU C 51 0.84 9.35 -30.15
N GLY C 52 1.26 9.45 -31.39
CA GLY C 52 2.69 9.59 -31.60
C GLY C 52 3.22 10.98 -31.66
N TYR C 53 4.08 11.26 -32.62
CA TYR C 53 4.57 12.61 -32.81
C TYR C 53 3.54 13.38 -33.57
N SER C 54 2.71 12.69 -34.34
CA SER C 54 1.67 13.32 -35.11
C SER C 54 0.41 13.51 -34.28
N CYS C 55 0.46 13.11 -33.02
CA CYS C 55 -0.67 13.26 -32.12
C CYS C 55 -1.98 12.73 -32.66
N LYS C 56 -2.01 11.47 -33.05
CA LYS C 56 -3.23 10.84 -33.52
C LYS C 56 -4.14 10.72 -32.34
N PRO C 57 -5.44 10.98 -32.52
CA PRO C 57 -6.34 10.78 -31.41
C PRO C 57 -6.29 9.39 -30.80
N HIS C 58 -6.30 9.30 -29.48
CA HIS C 58 -6.30 8.02 -28.79
C HIS C 58 -7.52 7.20 -29.13
N HIS C 59 -7.40 5.89 -29.08
CA HIS C 59 -8.51 5.00 -29.45
C HIS C 59 -9.75 5.13 -28.62
N SER C 60 -9.59 5.13 -27.30
CA SER C 60 -10.73 5.26 -26.41
C SER C 60 -11.06 6.72 -26.18
N GLY C 61 -10.22 7.61 -26.66
CA GLY C 61 -10.43 9.03 -26.47
C GLY C 61 -9.52 9.48 -25.37
N TYR C 62 -9.05 8.53 -24.58
CA TYR C 62 -8.20 8.85 -23.46
C TYR C 62 -6.96 8.03 -23.51
N ALA C 63 -5.93 8.47 -22.81
CA ALA C 63 -4.66 7.78 -22.83
C ALA C 63 -4.72 6.49 -22.08
N PRO C 64 -3.98 5.48 -22.54
CA PRO C 64 -3.91 4.23 -21.77
C PRO C 64 -3.42 4.48 -20.36
N GLU C 65 -3.97 3.78 -19.38
CA GLU C 65 -3.63 4.04 -18.00
C GLU C 65 -2.23 3.75 -17.57
N ALA C 66 -1.56 2.86 -18.27
CA ALA C 66 -0.23 2.46 -17.91
C ALA C 66 0.80 3.20 -18.70
N ASN C 67 0.41 4.31 -19.32
CA ASN C 67 1.34 5.10 -20.08
C ASN C 67 1.68 6.27 -19.20
N SER C 68 1.04 6.34 -18.04
CA SER C 68 1.23 7.48 -17.14
C SER C 68 2.25 7.32 -16.04
N PHE C 69 2.94 6.21 -15.95
CA PHE C 69 3.85 5.96 -14.85
C PHE C 69 5.08 6.82 -14.84
N SER C 70 5.53 7.25 -16.01
CA SER C 70 6.67 8.15 -16.09
C SER C 70 6.28 9.48 -15.51
N ALA C 71 5.15 10.02 -15.93
CA ALA C 71 4.66 11.29 -15.44
C ALA C 71 4.42 11.25 -13.98
N LEU C 72 3.81 10.18 -13.49
CA LEU C 72 3.50 10.07 -12.09
C LEU C 72 4.70 9.93 -11.19
N SER C 73 5.73 9.24 -11.63
CA SER C 73 6.93 9.11 -10.84
C SER C 73 7.59 10.45 -10.69
N CYS C 74 7.58 11.26 -11.73
CA CYS C 74 8.18 12.56 -11.70
C CYS C 74 7.37 13.56 -10.91
N LEU C 75 6.06 13.48 -10.98
CA LEU C 75 5.19 14.34 -10.21
C LEU C 75 5.22 14.00 -8.74
N VAL C 76 5.35 12.73 -8.39
CA VAL C 76 5.46 12.32 -7.00
C VAL C 76 6.82 12.67 -6.44
N SER C 77 7.89 12.54 -7.21
CA SER C 77 9.19 12.92 -6.74
C SER C 77 9.37 14.41 -6.62
N GLY C 78 8.68 15.19 -7.44
CA GLY C 78 8.73 16.63 -7.30
C GLY C 78 8.00 17.07 -6.07
N THR C 79 6.95 16.36 -5.69
CA THR C 79 6.24 16.66 -4.45
C THR C 79 7.05 16.26 -3.24
N ILE C 80 7.76 15.14 -3.31
CA ILE C 80 8.63 14.72 -2.22
C ILE C 80 9.80 15.69 -2.09
N TYR C 81 10.27 16.25 -3.18
CA TYR C 81 11.34 17.23 -3.12
C TYR C 81 10.87 18.56 -2.60
N ALA C 82 9.57 18.86 -2.69
CA ALA C 82 9.01 20.07 -2.10
C ALA C 82 8.94 19.88 -0.61
N ALA C 83 8.59 18.69 -0.14
CA ALA C 83 8.60 18.39 1.26
C ALA C 83 10.00 18.46 1.80
N LYS C 84 10.98 18.01 1.03
CA LYS C 84 12.36 18.13 1.39
C LYS C 84 12.85 19.56 1.49
N THR C 85 12.43 20.47 0.61
CA THR C 85 12.80 21.86 0.72
C THR C 85 12.23 22.48 1.97
N PHE C 86 11.03 22.07 2.37
CA PHE C 86 10.42 22.57 3.57
C PHE C 86 11.19 22.14 4.79
N ASP C 87 11.64 20.87 4.84
CA ASP C 87 12.48 20.42 5.94
C ASP C 87 13.84 21.09 5.97
N PHE C 88 14.51 21.20 4.85
CA PHE C 88 15.80 21.85 4.81
C PHE C 88 15.73 23.33 5.17
N PHE C 89 14.66 24.01 4.77
CA PHE C 89 14.50 25.42 5.09
C PHE C 89 14.03 25.65 6.51
N ASP C 90 13.60 24.60 7.20
CA ASP C 90 13.27 24.69 8.60
C ASP C 90 14.47 24.23 9.43
N GLY C 91 15.56 23.79 8.79
CA GLY C 91 16.78 23.42 9.49
C GLY C 91 16.99 21.97 9.77
N GLY C 92 16.19 21.11 9.18
CA GLY C 92 16.28 19.70 9.45
C GLY C 92 15.56 19.12 10.64
N GLY C 93 15.33 17.82 10.65
CA GLY C 93 14.68 17.15 11.75
C GLY C 93 13.28 17.58 12.09
N THR C 94 12.40 17.68 11.11
CA THR C 94 11.10 18.22 11.36
C THR C 94 10.25 16.99 11.42
N PRO C 95 9.08 17.07 12.06
CA PRO C 95 8.26 15.86 12.21
C PRO C 95 8.01 15.09 10.92
N PHE C 96 7.68 15.75 9.84
CA PHE C 96 7.48 15.10 8.56
C PHE C 96 8.69 15.38 7.70
N SER C 97 9.71 14.56 7.81
CA SER C 97 10.92 14.78 7.06
C SER C 97 11.17 13.68 6.06
N PHE C 98 11.33 14.04 4.81
CA PHE C 98 11.56 13.07 3.76
C PHE C 98 13.03 13.07 3.53
N ASN C 99 13.76 13.64 4.45
CA ASN C 99 15.18 13.65 4.37
C ASN C 99 15.75 12.73 5.39
N TRP C 100 15.10 12.61 6.54
CA TRP C 100 15.58 11.79 7.62
C TRP C 100 15.86 10.34 7.30
N TYR C 101 14.87 9.63 6.79
CA TYR C 101 15.03 8.23 6.49
C TYR C 101 15.43 8.06 5.07
N TRP C 102 16.67 7.71 4.86
CA TRP C 102 17.18 7.54 3.53
C TRP C 102 16.55 6.40 2.82
N TYR C 103 16.17 6.61 1.56
CA TYR C 103 15.60 5.58 0.70
C TYR C 103 14.13 5.34 0.90
N LEU C 104 13.51 6.05 1.83
CA LEU C 104 12.07 5.96 1.99
C LEU C 104 11.34 6.62 0.87
N ASP C 105 11.88 7.71 0.37
CA ASP C 105 11.30 8.37 -0.78
C ASP C 105 11.37 7.49 -2.00
N TYR C 106 12.36 6.61 -2.06
CA TYR C 106 12.53 5.72 -3.18
C TYR C 106 11.58 4.56 -3.11
N VAL C 107 11.07 4.24 -1.94
CA VAL C 107 10.08 3.18 -1.78
C VAL C 107 8.83 3.57 -2.53
N PHE C 108 8.57 4.87 -2.62
CA PHE C 108 7.38 5.33 -3.30
C PHE C 108 7.55 5.75 -4.75
N THR C 109 8.77 5.99 -5.20
CA THR C 109 8.98 6.47 -6.55
C THR C 109 9.55 5.47 -7.52
N CYS C 110 10.47 4.65 -7.06
CA CYS C 110 11.10 3.64 -7.90
C CYS C 110 10.25 2.52 -8.40
N PRO C 111 9.24 2.08 -7.61
CA PRO C 111 8.33 1.11 -8.20
C PRO C 111 7.62 1.68 -9.43
N LEU C 112 7.31 2.96 -9.48
CA LEU C 112 6.65 3.59 -10.62
C LEU C 112 7.54 3.75 -11.83
N ILE C 113 8.82 3.98 -11.62
CA ILE C 113 9.77 4.02 -12.71
C ILE C 113 9.89 2.64 -13.32
N LEU C 114 9.88 1.62 -12.48
CA LEU C 114 9.96 0.25 -12.94
C LEU C 114 8.71 -0.16 -13.67
N LEU C 115 7.54 0.21 -13.17
CA LEU C 115 6.27 -0.10 -13.85
C LEU C 115 6.22 0.52 -15.21
N ASP C 116 6.77 1.70 -15.37
CA ASP C 116 6.88 2.37 -16.65
C ASP C 116 7.62 1.45 -17.63
N VAL C 117 8.79 0.94 -17.27
CA VAL C 117 9.52 0.00 -18.11
C VAL C 117 8.77 -1.30 -18.35
N LEU C 118 8.21 -1.90 -17.32
CA LEU C 118 7.50 -3.14 -17.45
C LEU C 118 6.33 -3.08 -18.38
N TYR C 119 5.59 -2.00 -18.33
CA TYR C 119 4.45 -1.85 -19.19
C TYR C 119 4.80 -1.38 -20.58
N THR C 120 5.72 -0.45 -20.71
CA THR C 120 6.14 0.00 -22.02
C THR C 120 6.80 -1.09 -22.82
N LEU C 121 7.65 -1.88 -22.19
CA LEU C 121 8.36 -2.92 -22.89
C LEU C 121 7.67 -4.23 -22.84
N GLU C 122 6.48 -4.28 -22.26
CA GLU C 122 5.69 -5.51 -22.15
C GLU C 122 6.53 -6.60 -21.53
N ILE C 123 6.98 -6.37 -20.32
CA ILE C 123 7.83 -7.32 -19.66
C ILE C 123 7.03 -8.31 -18.78
N PRO C 124 7.31 -9.66 -18.84
CA PRO C 124 6.64 -10.59 -17.94
C PRO C 124 7.04 -10.47 -16.47
N HIS C 125 6.35 -11.19 -15.58
CA HIS C 125 6.67 -11.20 -14.15
C HIS C 125 6.65 -9.86 -13.50
N LYS C 126 5.68 -9.03 -13.85
CA LYS C 126 5.59 -7.70 -13.29
C LYS C 126 5.47 -7.68 -11.78
N LEU C 127 4.69 -8.57 -11.21
CA LEU C 127 4.54 -8.65 -9.76
C LEU C 127 5.82 -9.04 -9.07
N ARG C 128 6.52 -10.00 -9.62
CA ARG C 128 7.78 -10.44 -9.05
C ARG C 128 8.79 -9.34 -9.06
N PHE C 129 8.83 -8.57 -10.13
CA PHE C 129 9.77 -7.48 -10.24
C PHE C 129 9.47 -6.31 -9.32
N VAL C 130 8.21 -5.98 -9.16
CA VAL C 130 7.84 -4.87 -8.29
C VAL C 130 8.07 -5.25 -6.86
N PHE C 131 7.63 -6.45 -6.48
CA PHE C 131 7.87 -6.93 -5.13
C PHE C 131 9.34 -6.92 -4.84
N ALA C 132 10.17 -7.44 -5.74
CA ALA C 132 11.60 -7.42 -5.56
C ALA C 132 12.14 -6.07 -5.24
N VAL C 133 11.84 -5.07 -6.04
CA VAL C 133 12.29 -3.71 -5.79
C VAL C 133 11.83 -3.11 -4.47
N ILE C 134 10.64 -3.44 -4.02
CA ILE C 134 10.13 -2.91 -2.78
C ILE C 134 10.92 -3.53 -1.65
N ILE C 135 11.13 -4.84 -1.67
CA ILE C 135 11.95 -5.49 -0.68
C ILE C 135 13.30 -4.85 -0.57
N THR C 136 13.99 -4.73 -1.68
CA THR C 136 15.29 -4.12 -1.70
C THR C 136 15.40 -2.72 -1.12
N LEU C 137 14.41 -1.88 -1.38
CA LEU C 137 14.42 -0.52 -0.89
C LEU C 137 14.17 -0.44 0.58
N TRP C 138 13.42 -1.38 1.13
CA TRP C 138 13.17 -1.44 2.55
C TRP C 138 14.36 -1.96 3.30
N CYS C 139 15.19 -2.76 2.63
CA CYS C 139 16.42 -3.26 3.22
C CYS C 139 17.39 -2.12 3.29
N GLY C 140 17.32 -1.18 2.36
CA GLY C 140 18.16 -0.01 2.39
C GLY C 140 17.69 0.96 3.41
N VAL C 141 16.39 1.10 3.60
CA VAL C 141 15.86 1.94 4.64
C VAL C 141 16.38 1.40 5.97
N ALA C 142 16.28 0.09 6.18
CA ALA C 142 16.74 -0.54 7.39
C ALA C 142 18.24 -0.45 7.62
N ALA C 143 19.04 -0.50 6.57
CA ALA C 143 20.48 -0.36 6.67
C ALA C 143 20.93 1.01 7.11
N PHE C 144 20.17 2.04 6.76
CA PHE C 144 20.50 3.38 7.14
C PHE C 144 20.07 3.66 8.55
N VAL C 145 19.09 2.93 9.04
CA VAL C 145 18.56 3.12 10.38
C VAL C 145 19.31 2.28 11.45
N THR C 146 19.89 1.14 11.08
CA THR C 146 20.62 0.31 12.04
C THR C 146 21.97 0.89 12.41
N PRO C 147 22.22 1.02 13.71
CA PRO C 147 23.48 1.60 14.16
C PRO C 147 24.60 0.61 14.39
N SER C 148 24.44 -0.63 13.97
CA SER C 148 25.44 -1.65 14.21
C SER C 148 25.93 -2.20 12.90
N ALA C 149 26.72 -3.27 12.95
CA ALA C 149 27.21 -3.91 11.75
C ALA C 149 26.18 -4.84 11.16
N PHE C 150 24.95 -4.81 11.68
CA PHE C 150 23.87 -5.59 11.14
C PHE C 150 23.24 -4.77 10.06
N ARG C 151 23.77 -3.58 9.81
CA ARG C 151 23.33 -2.74 8.71
C ARG C 151 23.87 -3.34 7.45
N PHE C 152 24.95 -4.11 7.57
CA PHE C 152 25.56 -4.75 6.45
C PHE C 152 24.86 -6.04 6.17
N GLY C 153 24.05 -6.51 7.10
CA GLY C 153 23.24 -7.67 6.88
C GLY C 153 22.02 -7.28 6.14
N TYR C 154 21.42 -6.16 6.47
CA TYR C 154 20.27 -5.66 5.70
C TYR C 154 20.70 -5.24 4.33
N TYR C 155 21.89 -4.69 4.20
CA TYR C 155 22.42 -4.33 2.92
C TYR C 155 22.61 -5.53 2.04
N ALA C 156 23.19 -6.58 2.59
CA ALA C 156 23.40 -7.81 1.84
C ALA C 156 22.13 -8.56 1.49
N VAL C 157 21.08 -8.41 2.28
CA VAL C 157 19.81 -9.06 1.96
C VAL C 157 19.17 -8.36 0.78
N GLY C 158 19.33 -7.06 0.66
CA GLY C 158 18.81 -6.38 -0.50
C GLY C 158 19.64 -6.71 -1.72
N CYS C 159 20.93 -6.90 -1.57
CA CYS C 159 21.76 -7.32 -2.68
C CYS C 159 21.36 -8.70 -3.18
N VAL C 160 20.88 -9.55 -2.30
CA VAL C 160 20.40 -10.87 -2.68
C VAL C 160 19.08 -10.77 -3.40
N TRP C 161 18.42 -9.63 -3.32
CA TRP C 161 17.18 -9.43 -4.03
C TRP C 161 17.38 -8.64 -5.29
N PHE C 162 18.40 -7.79 -5.32
CA PHE C 162 18.66 -6.94 -6.46
C PHE C 162 19.48 -7.55 -7.56
N VAL C 163 20.52 -8.28 -7.20
CA VAL C 163 21.33 -8.95 -8.21
C VAL C 163 20.44 -9.90 -9.08
N PRO C 164 19.63 -10.85 -8.49
CA PRO C 164 18.70 -11.62 -9.33
C PRO C 164 17.74 -10.76 -10.14
N PHE C 165 17.07 -9.78 -9.54
CA PHE C 165 16.18 -8.85 -10.23
C PHE C 165 16.80 -8.20 -11.43
N SER C 166 17.98 -7.62 -11.28
CA SER C 166 18.63 -6.90 -12.35
C SER C 166 19.08 -7.77 -13.50
N PHE C 167 19.48 -8.99 -13.21
CA PHE C 167 19.91 -9.90 -14.25
C PHE C 167 18.73 -10.45 -15.00
N SER C 168 17.65 -10.70 -14.29
CA SER C 168 16.46 -11.18 -14.92
C SER C 168 15.83 -10.11 -15.77
N LEU C 169 15.87 -8.87 -15.33
CA LEU C 169 15.33 -7.77 -16.11
C LEU C 169 16.18 -7.47 -17.29
N LEU C 170 17.49 -7.51 -17.16
CA LEU C 170 18.33 -7.30 -18.31
C LEU C 170 18.07 -8.35 -19.38
N ARG C 171 17.85 -9.58 -19.00
CA ARG C 171 17.55 -10.62 -19.96
C ARG C 171 16.27 -10.34 -20.67
N HIS C 172 15.25 -9.95 -19.93
CA HIS C 172 13.97 -9.63 -20.51
C HIS C 172 13.98 -8.41 -21.39
N VAL C 173 14.70 -7.38 -21.02
CA VAL C 173 14.80 -6.20 -21.87
C VAL C 173 15.66 -6.39 -23.10
N LYS C 174 16.54 -7.37 -23.09
CA LYS C 174 17.33 -7.64 -24.26
C LYS C 174 16.49 -8.40 -25.24
N GLN C 175 15.59 -9.21 -24.74
CA GLN C 175 14.68 -9.93 -25.62
C GLN C 175 13.73 -8.97 -26.29
N ARG C 176 13.24 -8.00 -25.55
CA ARG C 176 12.33 -7.04 -26.10
C ARG C 176 13.00 -6.04 -27.03
N TYR C 177 14.25 -5.71 -26.78
CA TYR C 177 14.99 -4.78 -27.60
C TYR C 177 14.94 -5.11 -29.07
N GLN C 178 15.01 -6.38 -29.41
CA GLN C 178 15.04 -6.80 -30.82
C GLN C 178 13.71 -6.70 -31.55
N VAL C 179 12.63 -6.51 -30.83
CA VAL C 179 11.32 -6.38 -31.42
C VAL C 179 11.18 -4.99 -31.93
N TYR C 180 11.85 -4.04 -31.30
CA TYR C 180 11.68 -2.65 -31.64
C TYR C 180 12.36 -2.17 -32.90
N PRO C 181 11.79 -1.14 -33.54
CA PRO C 181 12.39 -0.58 -34.76
C PRO C 181 13.68 0.16 -34.50
N PRO C 182 14.55 0.28 -35.49
CA PRO C 182 15.85 0.91 -35.29
C PRO C 182 15.86 2.25 -34.59
N LYS C 183 14.92 3.14 -34.90
CA LYS C 183 14.82 4.43 -34.23
C LYS C 183 14.40 4.36 -32.77
N CYS C 184 13.56 3.40 -32.42
CA CYS C 184 13.13 3.24 -31.05
C CYS C 184 14.18 2.51 -30.25
N GLN C 185 15.02 1.74 -30.93
CA GLN C 185 16.10 1.02 -30.26
C GLN C 185 17.20 1.97 -29.87
N LYS C 186 17.35 3.07 -30.61
CA LYS C 186 18.32 4.09 -30.25
C LYS C 186 17.93 4.85 -28.99
N ILE C 187 16.64 5.16 -28.83
CA ILE C 187 16.19 5.80 -27.62
C ILE C 187 16.29 4.85 -26.47
N LEU C 188 15.99 3.58 -26.71
CA LEU C 188 16.00 2.59 -25.65
C LEU C 188 17.36 2.32 -25.12
N PHE C 189 18.39 2.39 -25.96
CA PHE C 189 19.75 2.21 -25.50
C PHE C 189 20.02 3.12 -24.35
N TRP C 190 19.68 4.39 -24.50
CA TRP C 190 19.91 5.37 -23.46
C TRP C 190 19.06 5.22 -22.22
N ALA C 191 17.88 4.65 -22.33
CA ALA C 191 17.08 4.38 -21.16
C ALA C 191 17.69 3.25 -20.40
N CYS C 192 18.21 2.26 -21.10
CA CYS C 192 18.83 1.10 -20.47
C CYS C 192 20.13 1.44 -19.77
N THR C 193 20.80 2.50 -20.18
CA THR C 193 22.02 2.92 -19.53
C THR C 193 21.76 3.70 -18.25
N ILE C 194 20.56 4.22 -18.07
CA ILE C 194 20.21 4.92 -16.85
C ILE C 194 19.58 3.93 -15.91
N PHE C 195 18.87 2.96 -16.45
CA PHE C 195 18.21 2.00 -15.61
C PHE C 195 19.14 0.93 -15.10
N PHE C 196 20.13 0.57 -15.90
CA PHE C 196 21.00 -0.53 -15.52
C PHE C 196 22.39 -0.05 -15.27
N GLY C 197 22.63 1.22 -15.50
CA GLY C 197 23.94 1.77 -15.25
C GLY C 197 23.96 2.67 -14.05
N PHE C 198 22.83 3.27 -13.71
CA PHE C 198 22.79 4.22 -12.62
C PHE C 198 22.18 3.58 -11.42
N TRP C 199 21.26 2.67 -11.61
CA TRP C 199 20.66 1.93 -10.49
C TRP C 199 21.68 1.20 -9.61
N PRO C 200 22.70 0.54 -10.21
CA PRO C 200 23.71 -0.05 -9.34
C PRO C 200 24.63 0.89 -8.55
N LEU C 201 24.58 2.20 -8.78
CA LEU C 201 25.49 3.12 -8.12
C LEU C 201 25.02 3.41 -6.74
N PHE C 202 23.71 3.39 -6.53
CA PHE C 202 23.15 3.60 -5.21
C PHE C 202 23.77 2.68 -4.15
N PRO C 203 23.78 1.35 -4.36
CA PRO C 203 24.50 0.51 -3.40
C PRO C 203 26.00 0.82 -3.15
N ILE C 204 26.74 1.19 -4.17
CA ILE C 204 28.15 1.52 -4.00
C ILE C 204 28.38 2.80 -3.22
N LEU C 205 27.48 3.75 -3.35
CA LEU C 205 27.59 4.99 -2.61
C LEU C 205 27.45 4.74 -1.14
N PHE C 206 26.56 3.83 -0.73
CA PHE C 206 26.42 3.45 0.67
C PHE C 206 27.73 2.96 1.26
N LEU C 207 28.50 2.22 0.48
CA LEU C 207 29.75 1.70 0.96
C LEU C 207 30.83 2.71 1.20
N PHE C 208 30.65 3.92 0.72
CA PHE C 208 31.65 4.95 0.89
C PHE C 208 31.10 6.05 1.74
N SER C 209 29.90 5.88 2.22
CA SER C 209 29.26 6.87 3.05
C SER C 209 29.72 6.85 4.48
N TRP C 210 29.08 7.62 5.34
CA TRP C 210 29.40 7.66 6.75
C TRP C 210 29.06 6.35 7.42
N LEU C 211 28.25 5.54 6.78
CA LEU C 211 27.89 4.24 7.31
C LEU C 211 28.69 3.19 6.60
N GLY C 212 29.75 3.59 5.92
CA GLY C 212 30.61 2.69 5.22
C GLY C 212 31.98 3.20 5.53
N THR C 213 32.75 3.60 4.53
CA THR C 213 34.12 4.02 4.74
C THR C 213 34.32 5.44 5.24
N GLY C 214 33.28 6.27 5.23
CA GLY C 214 33.37 7.61 5.74
C GLY C 214 33.97 8.62 4.82
N HIS C 215 33.81 8.41 3.52
CA HIS C 215 34.33 9.34 2.54
C HIS C 215 33.26 10.31 2.14
N ILE C 216 32.03 9.84 2.03
CA ILE C 216 30.92 10.69 1.67
C ILE C 216 30.06 11.03 2.86
N ASP C 217 29.96 12.32 3.19
CA ASP C 217 29.12 12.79 4.28
C ASP C 217 27.69 12.86 3.84
N GLN C 218 26.80 13.23 4.73
CA GLN C 218 25.38 13.31 4.41
C GLN C 218 25.03 14.45 3.49
N GLN C 219 25.72 15.57 3.60
CA GLN C 219 25.48 16.69 2.70
C GLN C 219 25.84 16.33 1.29
N ALA C 220 27.01 15.74 1.08
CA ALA C 220 27.44 15.34 -0.24
C ALA C 220 26.59 14.25 -0.77
N PHE C 221 26.14 13.34 0.08
CA PHE C 221 25.26 12.25 -0.31
C PHE C 221 23.94 12.77 -0.83
N THR C 222 23.45 13.87 -0.26
CA THR C 222 22.20 14.47 -0.69
C THR C 222 22.36 15.09 -2.05
N ILE C 223 23.43 15.83 -2.26
CA ILE C 223 23.70 16.41 -3.56
C ILE C 223 23.87 15.34 -4.63
N ILE C 224 24.55 14.26 -4.33
CA ILE C 224 24.74 13.19 -5.29
C ILE C 224 23.43 12.55 -5.65
N HIS C 225 22.58 12.32 -4.67
CA HIS C 225 21.31 11.70 -4.92
C HIS C 225 20.35 12.60 -5.61
N ALA C 226 20.50 13.91 -5.46
CA ALA C 226 19.66 14.88 -6.15
C ALA C 226 19.98 14.86 -7.61
N PHE C 227 21.25 14.80 -7.96
CA PHE C 227 21.67 14.71 -9.33
C PHE C 227 21.32 13.39 -9.94
N LEU C 228 21.39 12.33 -9.16
CA LEU C 228 21.04 11.02 -9.65
C LEU C 228 19.56 10.96 -9.90
N ASP C 229 18.76 11.67 -9.13
CA ASP C 229 17.32 11.72 -9.33
C ASP C 229 16.90 12.61 -10.47
N LEU C 230 17.77 13.49 -10.91
CA LEU C 230 17.45 14.30 -12.05
C LEU C 230 17.63 13.47 -13.29
N PHE C 231 18.46 12.44 -13.21
CA PHE C 231 18.70 11.58 -14.33
C PHE C 231 17.84 10.37 -14.31
N CYS C 232 17.57 9.87 -13.14
CA CYS C 232 16.83 8.63 -13.02
C CYS C 232 15.37 8.80 -12.93
N LYS C 233 14.94 10.04 -12.84
CA LYS C 233 13.52 10.28 -12.85
C LYS C 233 13.17 11.06 -14.07
N THR C 234 13.65 12.28 -14.16
CA THR C 234 13.24 13.12 -15.27
C THR C 234 13.85 12.79 -16.62
N VAL C 235 15.16 12.59 -16.71
CA VAL C 235 15.77 12.19 -17.97
C VAL C 235 15.27 10.82 -18.39
N PHE C 236 15.17 9.89 -17.46
CA PHE C 236 14.63 8.60 -17.77
C PHE C 236 13.22 8.65 -18.29
N GLY C 237 12.34 9.40 -17.63
CA GLY C 237 10.97 9.52 -18.05
C GLY C 237 10.77 10.22 -19.35
N LEU C 238 11.63 11.16 -19.67
CA LEU C 238 11.56 11.84 -20.93
C LEU C 238 12.03 10.95 -22.05
N ILE C 239 13.05 10.13 -21.81
CA ILE C 239 13.50 9.18 -22.80
C ILE C 239 12.42 8.14 -23.02
N MET C 240 11.77 7.72 -21.98
CA MET C 240 10.71 6.75 -22.09
C MET C 240 9.48 7.27 -22.79
N THR C 241 9.24 8.58 -22.72
CA THR C 241 8.12 9.21 -23.37
C THR C 241 8.38 9.31 -24.84
N PHE C 242 9.59 9.64 -25.22
CA PHE C 242 9.95 9.75 -26.62
C PHE C 242 10.13 8.41 -27.27
N PHE C 243 10.38 7.37 -26.49
CA PHE C 243 10.44 6.02 -27.02
C PHE C 243 9.03 5.64 -27.39
N ARG C 244 8.08 5.89 -26.51
CA ARG C 244 6.69 5.62 -26.77
C ARG C 244 6.10 6.43 -27.90
N LEU C 245 6.48 7.67 -28.07
CA LEU C 245 6.02 8.46 -29.19
C LEU C 245 6.54 7.95 -30.49
N GLU C 246 7.78 7.47 -30.53
CA GLU C 246 8.33 6.86 -31.72
C GLU C 246 7.77 5.48 -31.97
N LEU C 247 7.48 4.72 -30.93
CA LEU C 247 6.86 3.44 -31.06
C LEU C 247 5.51 3.63 -31.67
N GLU C 248 4.70 4.49 -31.09
CA GLU C 248 3.38 4.70 -31.61
C GLU C 248 3.31 5.48 -32.89
N GLU C 249 4.38 6.07 -33.34
CA GLU C 249 4.37 6.72 -34.62
C GLU C 249 4.55 5.65 -35.63
N HIS C 250 5.27 4.59 -35.28
CA HIS C 250 5.50 3.48 -36.18
C HIS C 250 4.33 2.54 -36.17
N THR C 251 3.88 2.14 -34.99
CA THR C 251 2.84 1.16 -34.89
C THR C 251 1.42 1.63 -34.98
N GLU C 252 1.15 2.84 -34.51
CA GLU C 252 -0.21 3.33 -34.50
C GLU C 252 -0.48 4.29 -35.61
N VAL C 253 0.44 5.19 -35.85
CA VAL C 253 0.19 6.20 -36.85
C VAL C 253 0.48 5.66 -38.21
N LEU C 254 1.58 4.92 -38.35
CA LEU C 254 1.95 4.42 -39.67
C LEU C 254 1.52 3.00 -39.84
N GLY C 255 1.02 2.39 -38.77
CA GLY C 255 0.51 1.04 -38.84
C GLY C 255 1.47 -0.02 -39.28
N LEU C 256 2.76 0.22 -39.08
CA LEU C 256 3.78 -0.73 -39.47
C LEU C 256 3.94 -1.70 -38.32
N PRO C 257 4.55 -2.86 -38.57
CA PRO C 257 4.59 -3.78 -37.44
C PRO C 257 5.89 -3.85 -36.66
N LEU C 258 5.86 -4.49 -35.51
CA LEU C 258 7.07 -4.67 -34.72
C LEU C 258 7.79 -5.91 -35.23
N ASN C 259 9.10 -5.98 -35.07
CA ASN C 259 9.87 -7.13 -35.56
C ASN C 259 9.87 -8.30 -34.59
N GLU C 260 8.69 -8.70 -34.11
CA GLU C 260 8.55 -9.82 -33.17
C GLU C 260 9.82 -10.42 -32.58
#